data_8F97
#
_entry.id   8F97
#
_cell.length_a   102.660
_cell.length_b   102.660
_cell.length_c   322.767
_cell.angle_alpha   90.00
_cell.angle_beta   90.00
_cell.angle_gamma   120.00
#
_symmetry.space_group_name_H-M   'P 61'
#
loop_
_entity.id
_entity.type
_entity.pdbx_description
1 polymer Procaspase-6
2 non-polymer "2-({[(2M)-[2,3'-bipyridin]-2'-yl]amino}methyl)-5-fluorophenol"
3 non-polymer 1,2-ETHANEDIOL
4 non-polymer DI(HYDROXYETHYL)ETHER
5 non-polymer 'CHLORIDE ION'
6 non-polymer GLYCEROL
7 water water
#
_entity_poly.entity_id   1
_entity_poly.type   'polypeptide(L)'
_entity_poly.pdbx_seq_one_letter_code
;MSSASGLRRGHPAGGEENMTETDAFYKREMFDPAEKYKMDHRRRGIALIFNHERFFWHLTLPERRGTCADRDNLTRRFSD
LGFEVKCFNDLKAEELLLKIHEVSTVSHADADCFVCVFLSHGEGNHIYAYDAKIEIQTLTGLFKGDKCHSLVGKPKIFII
QAARGNQHDVPVIPLDVVDNQTEKLDTNITEVDAASVYTLPAGADFLMCYSVAEGYYSHRETVNGSWYIQDLCEMLGKYG
SSLEFTELLTLVNRKVSQRRVDFCKDPSAIGKKQVPCFASMLTKKLHFFPKSNENLYFQ
;
_entity_poly.pdbx_strand_id   A,B,C,D
#
# COMPACT_ATOMS: atom_id res chain seq x y z
N MET A 30 17.15 25.90 31.97
CA MET A 30 17.65 26.84 30.91
C MET A 30 16.97 26.57 29.56
N PHE A 31 16.02 25.62 29.52
CA PHE A 31 15.15 25.29 28.35
C PHE A 31 14.22 26.47 27.99
N ASP A 32 14.25 26.90 26.73
CA ASP A 32 13.65 28.20 26.30
C ASP A 32 12.48 27.95 25.34
N PRO A 33 11.22 28.27 25.74
CA PRO A 33 10.07 28.03 24.89
C PRO A 33 10.01 28.86 23.60
N ALA A 34 10.86 29.87 23.47
CA ALA A 34 10.87 30.78 22.30
C ALA A 34 12.19 30.62 21.51
N GLU A 35 12.92 29.52 21.72
CA GLU A 35 14.18 29.25 21.00
C GLU A 35 13.94 29.28 19.49
N LYS A 36 14.77 30.03 18.77
CA LYS A 36 14.79 30.19 17.29
C LYS A 36 15.95 29.37 16.74
N TYR A 37 15.79 28.77 15.56
CA TYR A 37 16.92 28.30 14.76
C TYR A 37 17.89 29.48 14.57
N LYS A 38 19.18 29.22 14.69
CA LYS A 38 20.29 30.17 14.40
C LYS A 38 20.24 30.53 12.90
N MET A 39 19.83 31.74 12.55
CA MET A 39 19.71 32.17 11.13
C MET A 39 20.67 33.33 10.83
N ASP A 40 21.89 33.27 11.37
CA ASP A 40 22.92 34.36 11.28
C ASP A 40 24.23 33.81 10.69
N HIS A 41 24.15 32.78 9.86
CA HIS A 41 25.29 32.28 9.04
C HIS A 41 25.58 33.28 7.91
N ARG A 42 26.68 33.12 7.20
CA ARG A 42 27.09 34.04 6.10
C ARG A 42 26.02 34.05 4.99
N ARG A 43 25.45 32.90 4.66
CA ARG A 43 24.46 32.73 3.56
C ARG A 43 23.14 32.18 4.11
N ARG A 44 22.02 32.51 3.47
CA ARG A 44 20.71 31.88 3.79
C ARG A 44 20.79 30.38 3.46
N GLY A 45 21.27 30.08 2.25
CA GLY A 45 21.41 28.71 1.74
C GLY A 45 20.78 28.59 0.37
N ILE A 46 20.72 27.36 -0.13
CA ILE A 46 20.19 27.05 -1.48
C ILE A 46 18.69 26.74 -1.42
N ALA A 47 17.96 27.19 -2.44
CA ALA A 47 16.61 26.69 -2.79
C ALA A 47 16.67 26.05 -4.17
N LEU A 48 16.48 24.73 -4.25
CA LEU A 48 16.27 23.99 -5.51
C LEU A 48 14.79 24.00 -5.92
N ILE A 49 14.52 24.22 -7.18
CA ILE A 49 13.15 24.12 -7.76
C ILE A 49 13.26 23.23 -8.98
N PHE A 50 12.68 22.04 -8.89
CA PHE A 50 12.52 21.08 -10.01
C PHE A 50 11.14 21.33 -10.60
N ASN A 51 11.12 21.92 -11.80
CA ASN A 51 9.91 22.35 -12.53
C ASN A 51 9.65 21.40 -13.70
N HIS A 52 8.49 20.75 -13.71
CA HIS A 52 8.14 19.69 -14.70
C HIS A 52 6.84 20.09 -15.41
N GLU A 53 6.95 20.48 -16.67
CA GLU A 53 5.81 20.95 -17.49
C GLU A 53 5.32 19.84 -18.42
N ARG A 54 6.24 19.05 -18.98
CA ARG A 54 5.94 18.02 -20.02
C ARG A 54 6.65 16.73 -19.59
N PHE A 55 6.20 15.59 -20.11
CA PHE A 55 6.69 14.25 -19.70
C PHE A 55 6.90 13.40 -20.95
N PHE A 56 7.82 12.46 -20.85
CA PHE A 56 8.04 11.41 -21.87
C PHE A 56 6.68 10.88 -22.37
N TRP A 57 6.50 10.76 -23.69
CA TRP A 57 5.20 10.42 -24.32
C TRP A 57 4.63 9.15 -23.67
N HIS A 58 5.44 8.12 -23.46
CA HIS A 58 4.95 6.78 -23.01
C HIS A 58 4.49 6.80 -21.55
N LEU A 59 4.61 7.93 -20.83
CA LEU A 59 4.05 8.03 -19.45
C LEU A 59 2.57 8.45 -19.50
N THR A 60 2.14 9.10 -20.60
CA THR A 60 0.75 9.56 -20.82
C THR A 60 0.32 10.39 -19.61
N LEU A 61 1.12 11.40 -19.33
CA LEU A 61 0.84 12.43 -18.29
C LEU A 61 0.57 13.72 -19.04
N PRO A 62 -0.45 14.48 -18.64
CA PRO A 62 -0.75 15.74 -19.31
C PRO A 62 0.31 16.81 -18.98
N GLU A 63 0.47 17.79 -19.87
CA GLU A 63 1.25 19.03 -19.62
C GLU A 63 0.69 19.73 -18.39
N ARG A 64 1.55 20.47 -17.68
CA ARG A 64 1.19 21.24 -16.47
C ARG A 64 1.34 22.71 -16.84
N ARG A 65 0.52 23.16 -17.78
CA ARG A 65 0.44 24.58 -18.23
C ARG A 65 0.21 25.42 -16.97
N GLY A 66 1.09 26.41 -16.74
CA GLY A 66 1.03 27.34 -15.62
C GLY A 66 2.14 27.08 -14.60
N THR A 67 2.83 25.95 -14.71
CA THR A 67 3.89 25.62 -13.73
C THR A 67 5.03 26.65 -13.83
N CYS A 68 5.24 27.25 -15.00
CA CYS A 68 6.35 28.23 -15.19
CA CYS A 68 6.32 28.25 -15.23
C CYS A 68 6.06 29.48 -14.34
N ALA A 69 4.80 29.88 -14.18
CA ALA A 69 4.44 31.00 -13.28
C ALA A 69 4.78 30.62 -11.83
N ASP A 70 4.49 29.39 -11.43
CA ASP A 70 4.83 28.87 -10.08
C ASP A 70 6.34 28.98 -9.87
N ARG A 71 7.12 28.44 -10.81
CA ARG A 71 8.60 28.44 -10.76
C ARG A 71 9.10 29.89 -10.60
N ASP A 72 8.57 30.83 -11.37
CA ASP A 72 9.09 32.22 -11.43
C ASP A 72 8.69 32.92 -10.14
N ASN A 73 7.46 32.73 -9.67
CA ASN A 73 6.93 33.39 -8.43
C ASN A 73 7.78 32.91 -7.24
N LEU A 74 8.10 31.61 -7.18
CA LEU A 74 8.88 31.03 -6.07
C LEU A 74 10.31 31.57 -6.15
N THR A 75 10.87 31.66 -7.37
CA THR A 75 12.25 32.14 -7.58
C THR A 75 12.37 33.55 -7.00
N ARG A 76 11.44 34.44 -7.33
CA ARG A 76 11.45 35.84 -6.84
C ARG A 76 11.36 35.83 -5.31
N ARG A 77 10.40 35.12 -4.72
CA ARG A 77 10.14 35.23 -3.26
C ARG A 77 11.31 34.65 -2.46
N PHE A 78 11.87 33.53 -2.89
CA PHE A 78 12.97 32.88 -2.15
C PHE A 78 14.26 33.70 -2.33
N SER A 79 14.49 34.23 -3.52
CA SER A 79 15.63 35.13 -3.80
C SER A 79 15.55 36.35 -2.87
N ASP A 80 14.38 36.95 -2.73
CA ASP A 80 14.19 38.16 -1.89
C ASP A 80 14.45 37.83 -0.41
N LEU A 81 14.39 36.56 -0.01
CA LEU A 81 14.65 36.11 1.39
C LEU A 81 16.11 35.66 1.53
N GLY A 82 16.93 35.78 0.47
CA GLY A 82 18.38 35.61 0.54
C GLY A 82 18.84 34.26 0.03
N PHE A 83 17.92 33.44 -0.49
CA PHE A 83 18.26 32.09 -1.00
C PHE A 83 19.00 32.23 -2.34
N GLU A 84 19.99 31.36 -2.55
CA GLU A 84 20.59 31.13 -3.87
C GLU A 84 19.66 30.14 -4.58
N VAL A 85 18.81 30.63 -5.48
CA VAL A 85 17.81 29.79 -6.16
C VAL A 85 18.42 29.14 -7.40
N LYS A 86 18.35 27.81 -7.48
CA LYS A 86 18.77 27.02 -8.66
C LYS A 86 17.54 26.28 -9.20
N CYS A 87 17.07 26.66 -10.39
CA CYS A 87 15.92 26.04 -11.09
C CYS A 87 16.41 25.05 -12.14
N PHE A 88 15.69 23.95 -12.28
CA PHE A 88 15.92 22.92 -13.32
C PHE A 88 14.59 22.55 -13.95
N ASN A 89 14.53 22.55 -15.28
CA ASN A 89 13.29 22.36 -16.07
C ASN A 89 13.34 21.00 -16.74
N ASP A 90 12.42 20.10 -16.38
CA ASP A 90 12.13 18.84 -17.14
C ASP A 90 13.35 17.92 -17.12
N LEU A 91 14.07 17.86 -16.00
CA LEU A 91 15.14 16.86 -15.84
C LEU A 91 14.56 15.44 -15.90
N LYS A 92 15.30 14.55 -16.52
CA LYS A 92 15.11 13.08 -16.43
C LYS A 92 15.62 12.61 -15.07
N ALA A 93 15.22 11.39 -14.68
CA ALA A 93 15.54 10.84 -13.36
C ALA A 93 17.06 10.93 -13.11
N GLU A 94 17.89 10.47 -14.05
CA GLU A 94 19.37 10.43 -13.84
C GLU A 94 19.90 11.84 -13.53
N GLU A 95 19.54 12.82 -14.36
CA GLU A 95 20.00 14.23 -14.20
C GLU A 95 19.48 14.75 -12.85
N LEU A 96 18.24 14.45 -12.48
CA LEU A 96 17.65 15.03 -11.25
C LEU A 96 18.40 14.43 -10.06
N LEU A 97 18.66 13.12 -10.08
CA LEU A 97 19.37 12.45 -8.97
C LEU A 97 20.79 13.03 -8.90
N LEU A 98 21.40 13.32 -10.04
CA LEU A 98 22.78 13.88 -10.09
C LEU A 98 22.79 15.27 -9.44
N LYS A 99 21.87 16.16 -9.82
CA LYS A 99 21.85 17.54 -9.30
C LYS A 99 21.62 17.49 -7.79
N ILE A 100 20.67 16.68 -7.33
CA ILE A 100 20.25 16.78 -5.92
C ILE A 100 21.34 16.12 -5.06
N HIS A 101 22.02 15.08 -5.57
CA HIS A 101 23.19 14.50 -4.87
C HIS A 101 24.35 15.52 -4.81
N GLU A 102 24.65 16.23 -5.89
CA GLU A 102 25.67 17.32 -5.90
C GLU A 102 25.38 18.24 -4.72
N VAL A 103 24.16 18.75 -4.64
CA VAL A 103 23.77 19.81 -3.65
C VAL A 103 23.86 19.23 -2.24
N SER A 104 23.58 17.95 -2.06
CA SER A 104 23.60 17.27 -0.74
C SER A 104 25.04 17.01 -0.26
N THR A 105 26.05 16.96 -1.14
CA THR A 105 27.45 16.56 -0.80
C THR A 105 28.38 17.78 -0.76
N VAL A 106 27.88 18.93 -1.19
CA VAL A 106 28.51 20.27 -1.03
C VAL A 106 28.35 20.69 0.43
N SER A 107 29.19 21.60 0.92
CA SER A 107 29.15 22.08 2.32
C SER A 107 28.03 23.11 2.48
N HIS A 108 27.18 22.91 3.48
CA HIS A 108 26.15 23.89 3.92
C HIS A 108 26.59 24.54 5.23
N ALA A 109 27.85 24.36 5.64
CA ALA A 109 28.39 24.78 6.95
C ALA A 109 28.12 26.26 7.19
N ASP A 110 28.23 27.10 6.16
CA ASP A 110 28.04 28.57 6.30
C ASP A 110 26.64 28.98 5.83
N ALA A 111 25.67 28.07 5.86
CA ALA A 111 24.26 28.34 5.47
C ALA A 111 23.33 28.18 6.68
N ASP A 112 22.25 28.95 6.68
CA ASP A 112 21.15 28.86 7.67
C ASP A 112 20.32 27.59 7.44
N CYS A 113 19.97 27.27 6.20
CA CYS A 113 19.01 26.18 5.91
C CYS A 113 19.05 25.73 4.46
N PHE A 114 18.09 24.90 4.10
CA PHE A 114 17.94 24.29 2.76
C PHE A 114 16.45 24.20 2.41
N VAL A 115 16.13 24.60 1.18
CA VAL A 115 14.79 24.55 0.58
C VAL A 115 14.88 23.77 -0.72
N CYS A 116 13.93 22.86 -0.94
CA CYS A 116 13.81 22.07 -2.17
C CYS A 116 12.34 22.05 -2.56
N VAL A 117 12.04 22.39 -3.82
CA VAL A 117 10.64 22.50 -4.32
C VAL A 117 10.48 21.53 -5.51
N PHE A 118 9.41 20.73 -5.51
CA PHE A 118 9.01 19.85 -6.63
C PHE A 118 7.66 20.33 -7.16
N LEU A 119 7.66 20.68 -8.45
CA LEU A 119 6.48 21.10 -9.22
C LEU A 119 6.28 20.07 -10.32
N SER A 120 5.42 19.09 -10.10
CA SER A 120 5.29 17.93 -11.02
C SER A 120 4.00 17.18 -10.75
N HIS A 121 3.80 16.07 -11.41
CA HIS A 121 2.84 15.03 -11.03
C HIS A 121 3.51 14.11 -10.00
N GLY A 122 2.69 13.42 -9.23
CA GLY A 122 3.18 12.39 -8.31
C GLY A 122 2.10 11.38 -7.99
N GLU A 123 2.48 10.35 -7.26
CA GLU A 123 1.61 9.23 -6.86
C GLU A 123 2.25 8.66 -5.59
N GLY A 124 1.48 8.59 -4.51
CA GLY A 124 1.90 7.98 -3.26
C GLY A 124 3.19 8.58 -2.74
N ASN A 125 4.25 7.80 -2.68
CA ASN A 125 5.54 8.33 -2.14
C ASN A 125 6.46 8.69 -3.29
N HIS A 126 5.92 8.95 -4.48
CA HIS A 126 6.73 9.26 -5.68
C HIS A 126 6.40 10.63 -6.27
N ILE A 127 7.40 11.21 -6.89
CA ILE A 127 7.31 12.42 -7.74
C ILE A 127 7.75 11.99 -9.14
N TYR A 128 7.20 12.58 -10.19
CA TYR A 128 7.61 12.29 -11.58
C TYR A 128 8.71 13.29 -11.98
N ALA A 129 9.86 12.75 -12.41
CA ALA A 129 10.78 13.42 -13.34
C ALA A 129 10.18 13.31 -14.75
N TYR A 130 10.93 13.72 -15.77
CA TYR A 130 10.44 13.73 -17.17
C TYR A 130 10.05 12.31 -17.61
N ASP A 131 10.84 11.31 -17.20
CA ASP A 131 10.83 9.94 -17.79
C ASP A 131 10.41 8.86 -16.78
N ALA A 132 10.42 9.13 -15.48
CA ALA A 132 10.14 8.09 -14.47
C ALA A 132 9.84 8.70 -13.11
N LYS A 133 9.25 7.88 -12.25
CA LYS A 133 8.94 8.31 -10.87
C LYS A 133 10.17 8.05 -10.00
N ILE A 134 10.31 8.89 -8.97
CA ILE A 134 11.38 8.79 -7.95
C ILE A 134 10.71 8.82 -6.57
N GLU A 135 11.18 7.96 -5.68
CA GLU A 135 10.74 7.83 -4.27
C GLU A 135 11.18 9.11 -3.54
N ILE A 136 10.24 9.83 -2.95
CA ILE A 136 10.50 11.10 -2.24
C ILE A 136 11.51 10.86 -1.09
N GLN A 137 11.41 9.73 -0.40
CA GLN A 137 12.26 9.38 0.78
C GLN A 137 13.74 9.31 0.36
N THR A 138 14.04 8.92 -0.88
CA THR A 138 15.44 8.84 -1.33
C THR A 138 15.95 10.26 -1.57
N LEU A 139 15.09 11.20 -1.90
CA LEU A 139 15.50 12.62 -2.09
C LEU A 139 15.71 13.31 -0.74
N THR A 140 14.75 13.21 0.17
CA THR A 140 14.86 13.79 1.53
C THR A 140 15.98 13.10 2.30
N GLY A 141 16.15 11.80 2.09
CA GLY A 141 17.19 10.99 2.76
C GLY A 141 18.59 11.55 2.56
N LEU A 142 18.85 12.22 1.44
CA LEU A 142 20.18 12.80 1.11
C LEU A 142 20.54 13.90 2.10
N PHE A 143 19.56 14.52 2.76
CA PHE A 143 19.78 15.70 3.63
C PHE A 143 19.63 15.35 5.11
N LYS A 144 19.39 14.08 5.46
CA LYS A 144 19.28 13.62 6.86
C LYS A 144 20.65 13.71 7.54
N GLY A 145 20.68 14.09 8.83
CA GLY A 145 21.81 13.96 9.77
C GLY A 145 23.04 13.25 9.21
N ASP A 146 23.04 11.92 9.18
CA ASP A 146 24.22 11.09 8.83
C ASP A 146 24.81 11.54 7.48
N LYS A 147 23.96 11.72 6.46
CA LYS A 147 24.37 11.84 5.03
C LYS A 147 24.79 13.29 4.69
N CYS A 148 24.43 14.26 5.53
CA CYS A 148 24.67 15.70 5.27
C CYS A 148 24.94 16.41 6.59
N HIS A 149 26.15 16.20 7.15
CA HIS A 149 26.55 16.65 8.50
C HIS A 149 26.37 18.18 8.60
N SER A 150 26.61 18.93 7.53
CA SER A 150 26.60 20.42 7.56
C SER A 150 25.18 20.98 7.66
N LEU A 151 24.14 20.14 7.61
CA LEU A 151 22.74 20.61 7.77
C LEU A 151 22.15 20.06 9.09
N VAL A 152 22.92 19.31 9.85
CA VAL A 152 22.46 18.78 11.17
C VAL A 152 22.01 19.97 12.03
N GLY A 153 20.81 19.88 12.60
CA GLY A 153 20.23 20.93 13.44
C GLY A 153 19.78 22.13 12.62
N LYS A 154 19.74 22.05 11.29
CA LYS A 154 19.27 23.22 10.48
C LYS A 154 17.98 22.84 9.77
N PRO A 155 17.07 23.80 9.54
CA PRO A 155 15.81 23.53 8.88
C PRO A 155 16.00 23.05 7.43
N LYS A 156 15.29 21.98 7.07
CA LYS A 156 15.26 21.40 5.72
C LYS A 156 13.80 21.41 5.28
N ILE A 157 13.47 22.27 4.32
CA ILE A 157 12.07 22.57 3.93
C ILE A 157 11.83 22.07 2.51
N PHE A 158 10.91 21.12 2.37
CA PHE A 158 10.45 20.59 1.06
C PHE A 158 9.03 21.09 0.81
N ILE A 159 8.84 21.68 -0.37
CA ILE A 159 7.52 22.16 -0.82
C ILE A 159 7.12 21.32 -2.03
N ILE A 160 5.96 20.68 -1.96
CA ILE A 160 5.54 19.69 -2.99
C ILE A 160 4.18 20.10 -3.53
N GLN A 161 4.20 20.57 -4.78
CA GLN A 161 3.01 20.82 -5.61
C GLN A 161 3.00 19.68 -6.61
N ALA A 162 2.32 18.59 -6.27
CA ALA A 162 2.24 17.39 -7.10
C ALA A 162 0.93 16.69 -6.81
N ALA A 163 0.23 16.34 -7.88
CA ALA A 163 -1.05 15.63 -7.81
C ALA A 163 -1.11 14.65 -8.99
N ARG A 164 -2.28 14.05 -9.19
CA ARG A 164 -2.50 12.98 -10.18
C ARG A 164 -2.70 13.67 -11.53
N GLY A 165 -1.87 13.35 -12.52
CA GLY A 165 -2.14 13.74 -13.92
C GLY A 165 -3.36 13.04 -14.46
N ASN A 166 -4.47 13.78 -14.64
CA ASN A 166 -5.77 13.41 -15.31
C ASN A 166 -5.69 12.27 -16.33
N GLN A 167 -4.94 12.43 -17.41
CA GLN A 167 -4.90 11.49 -18.59
C GLN A 167 -3.48 11.51 -19.22
N THR A 187 -8.50 31.55 -21.99
CA THR A 187 -7.02 31.54 -22.17
C THR A 187 -6.33 31.16 -20.85
N ASN A 188 -6.81 31.68 -19.70
CA ASN A 188 -6.40 31.28 -18.32
C ASN A 188 -7.52 30.40 -17.74
N ILE A 189 -7.42 29.09 -17.94
CA ILE A 189 -8.38 28.04 -17.52
C ILE A 189 -7.90 27.49 -16.16
N THR A 190 -8.81 26.98 -15.33
CA THR A 190 -8.45 26.32 -14.05
C THR A 190 -8.55 24.80 -14.21
N GLU A 191 -7.43 24.09 -14.13
CA GLU A 191 -7.33 22.62 -14.21
C GLU A 191 -7.28 22.09 -12.77
N VAL A 192 -7.91 20.94 -12.54
CA VAL A 192 -8.13 20.42 -11.17
C VAL A 192 -7.74 18.94 -11.17
N ASP A 193 -6.90 18.59 -10.20
CA ASP A 193 -6.25 17.26 -10.05
C ASP A 193 -6.66 16.73 -8.68
N ALA A 194 -6.88 15.42 -8.61
CA ALA A 194 -7.09 14.71 -7.33
C ALA A 194 -5.76 14.70 -6.57
N ALA A 195 -5.81 14.86 -5.26
CA ALA A 195 -4.68 14.60 -4.35
C ALA A 195 -4.17 13.17 -4.60
N SER A 196 -2.86 12.97 -4.58
CA SER A 196 -2.25 11.66 -4.89
C SER A 196 -0.99 11.42 -4.06
N VAL A 197 -0.28 12.47 -3.66
CA VAL A 197 1.03 12.32 -2.98
C VAL A 197 0.83 12.27 -1.46
N TYR A 198 1.32 11.21 -0.84
CA TYR A 198 1.22 11.04 0.62
C TYR A 198 1.90 12.25 1.28
N THR A 199 1.22 12.83 2.26
CA THR A 199 1.68 13.97 3.07
C THR A 199 2.55 13.43 4.20
N LEU A 200 3.70 12.86 3.84
CA LEU A 200 4.64 12.19 4.78
C LEU A 200 5.60 13.23 5.37
N PRO A 201 6.11 12.94 6.60
CA PRO A 201 7.16 13.73 7.20
C PRO A 201 8.50 13.20 6.67
N ALA A 202 9.64 13.69 7.16
CA ALA A 202 10.94 13.33 6.56
C ALA A 202 12.06 13.15 7.57
N GLY A 203 11.93 13.59 8.81
CA GLY A 203 13.05 13.49 9.77
C GLY A 203 13.24 14.74 10.60
N ALA A 204 14.06 14.64 11.64
CA ALA A 204 14.39 15.76 12.55
C ALA A 204 14.74 16.99 11.73
N ASP A 205 14.08 18.10 11.99
CA ASP A 205 14.40 19.45 11.44
C ASP A 205 13.97 19.55 9.97
N PHE A 206 13.17 18.60 9.49
CA PHE A 206 12.47 18.74 8.18
C PHE A 206 11.08 19.34 8.41
N LEU A 207 10.65 20.18 7.48
CA LEU A 207 9.26 20.68 7.32
C LEU A 207 8.81 20.29 5.92
N MET A 208 7.79 19.44 5.79
CA MET A 208 7.27 18.96 4.49
C MET A 208 5.95 19.68 4.24
N CYS A 209 5.88 20.47 3.17
CA CYS A 209 4.74 21.37 2.84
C CYS A 209 4.08 20.83 1.59
N TYR A 210 2.78 20.53 1.67
CA TYR A 210 2.01 19.87 0.59
C TYR A 210 0.88 20.79 0.12
N SER A 211 0.70 20.85 -1.19
CA SER A 211 -0.32 21.71 -1.83
C SER A 211 -1.73 21.25 -1.46
N VAL A 212 -1.90 19.96 -1.11
CA VAL A 212 -3.24 19.33 -0.94
C VAL A 212 -3.13 18.04 -0.12
N ALA A 213 -4.14 17.78 0.71
CA ALA A 213 -4.27 16.56 1.55
C ALA A 213 -5.21 15.56 0.87
N GLU A 214 -5.17 14.30 1.32
CA GLU A 214 -6.03 13.19 0.85
C GLU A 214 -7.49 13.65 0.85
N GLY A 215 -8.22 13.30 -0.22
CA GLY A 215 -9.64 13.60 -0.40
C GLY A 215 -9.92 14.99 -0.93
N TYR A 216 -8.90 15.86 -1.07
CA TYR A 216 -9.09 17.23 -1.60
C TYR A 216 -8.50 17.30 -3.01
N TYR A 217 -8.58 18.47 -3.62
CA TYR A 217 -8.22 18.67 -5.04
C TYR A 217 -7.26 19.86 -5.16
N SER A 218 -6.31 19.72 -6.07
CA SER A 218 -5.27 20.72 -6.39
C SER A 218 -5.70 21.47 -7.65
N HIS A 219 -5.64 22.79 -7.63
CA HIS A 219 -6.04 23.69 -8.74
C HIS A 219 -4.79 24.38 -9.33
N ARG A 220 -4.74 24.48 -10.65
CA ARG A 220 -3.70 25.23 -11.38
C ARG A 220 -4.35 26.08 -12.48
N GLU A 221 -4.13 27.40 -12.45
CA GLU A 221 -4.53 28.32 -13.54
C GLU A 221 -3.41 28.28 -14.59
N THR A 222 -3.75 28.09 -15.86
CA THR A 222 -2.79 27.84 -16.97
C THR A 222 -1.89 29.05 -17.21
N VAL A 223 -2.25 30.22 -16.72
CA VAL A 223 -1.39 31.43 -16.79
C VAL A 223 -0.89 31.79 -15.38
N ASN A 224 -1.76 31.90 -14.38
CA ASN A 224 -1.38 32.45 -13.05
C ASN A 224 -0.74 31.40 -12.13
N GLY A 225 -0.84 30.12 -12.48
CA GLY A 225 -0.20 29.02 -11.73
C GLY A 225 -1.11 28.43 -10.66
N SER A 226 -0.52 27.62 -9.79
CA SER A 226 -1.22 26.82 -8.74
C SER A 226 -1.77 27.74 -7.65
N TRP A 227 -2.97 27.43 -7.18
CA TRP A 227 -3.60 28.18 -6.06
C TRP A 227 -2.62 28.20 -4.88
N TYR A 228 -2.06 27.05 -4.56
CA TYR A 228 -1.21 26.89 -3.36
C TYR A 228 0.03 27.77 -3.51
N ILE A 229 0.67 27.72 -4.68
CA ILE A 229 1.93 28.47 -4.94
C ILE A 229 1.59 29.97 -5.01
N GLN A 230 0.46 30.36 -5.60
CA GLN A 230 0.08 31.80 -5.65
C GLN A 230 -0.06 32.30 -4.22
N ASP A 231 -0.80 31.58 -3.38
CA ASP A 231 -1.09 31.99 -1.97
C ASP A 231 0.19 31.90 -1.14
N LEU A 232 1.02 30.89 -1.34
CA LEU A 232 2.34 30.79 -0.64
C LEU A 232 3.16 32.02 -1.01
N CYS A 233 3.24 32.35 -2.30
CA CYS A 233 4.13 33.44 -2.79
C CYS A 233 3.60 34.81 -2.35
N GLU A 234 2.29 35.03 -2.35
CA GLU A 234 1.70 36.26 -1.78
C GLU A 234 2.10 36.39 -0.30
N MET A 235 1.98 35.32 0.48
CA MET A 235 2.30 35.36 1.94
C MET A 235 3.80 35.53 2.15
N LEU A 236 4.64 34.90 1.33
CA LEU A 236 6.10 35.12 1.42
C LEU A 236 6.38 36.61 1.18
N GLY A 237 5.69 37.20 0.20
CA GLY A 237 5.89 38.60 -0.21
C GLY A 237 5.58 39.57 0.92
N LYS A 238 4.43 39.40 1.56
CA LYS A 238 3.99 40.30 2.64
C LYS A 238 4.66 39.96 3.99
N TYR A 239 4.86 38.68 4.33
CA TYR A 239 5.12 38.25 5.74
C TYR A 239 6.37 37.38 5.86
N GLY A 240 6.97 36.94 4.76
CA GLY A 240 8.11 35.98 4.82
C GLY A 240 9.23 36.48 5.71
N SER A 241 9.45 37.79 5.74
CA SER A 241 10.66 38.38 6.39
C SER A 241 10.38 38.67 7.87
N SER A 242 9.13 38.53 8.35
CA SER A 242 8.75 38.90 9.74
C SER A 242 8.15 37.70 10.52
N LEU A 243 7.21 36.96 9.91
CA LEU A 243 6.41 35.89 10.57
C LEU A 243 7.21 34.59 10.67
N GLU A 244 6.97 33.84 11.74
CA GLU A 244 7.45 32.44 11.89
C GLU A 244 6.90 31.63 10.71
N PHE A 245 7.72 30.77 10.11
CA PHE A 245 7.37 30.17 8.80
C PHE A 245 6.13 29.26 8.92
N THR A 246 5.94 28.52 10.02
CA THR A 246 4.74 27.65 10.17
C THR A 246 3.49 28.50 10.39
N GLU A 247 3.64 29.65 11.02
CA GLU A 247 2.56 30.67 11.17
C GLU A 247 2.14 31.12 9.75
N LEU A 248 3.10 31.37 8.87
CA LEU A 248 2.87 31.77 7.46
C LEU A 248 2.18 30.63 6.68
N LEU A 249 2.65 29.40 6.83
CA LEU A 249 2.01 28.23 6.15
C LEU A 249 0.56 28.09 6.59
N THR A 250 0.26 28.48 7.84
CA THR A 250 -1.12 28.43 8.40
C THR A 250 -1.97 29.47 7.67
N LEU A 251 -1.41 30.64 7.36
CA LEU A 251 -2.12 31.66 6.53
C LEU A 251 -2.41 31.07 5.17
N VAL A 252 -1.45 30.33 4.61
CA VAL A 252 -1.62 29.73 3.25
C VAL A 252 -2.78 28.72 3.33
N ASN A 253 -2.86 27.93 4.40
CA ASN A 253 -3.96 26.96 4.60
C ASN A 253 -5.30 27.70 4.55
N ARG A 254 -5.40 28.82 5.26
CA ARG A 254 -6.66 29.62 5.29
C ARG A 254 -6.96 30.18 3.89
N LYS A 255 -5.98 30.84 3.25
CA LYS A 255 -6.18 31.49 1.93
C LYS A 255 -6.69 30.42 0.95
N VAL A 256 -5.99 29.29 0.85
CA VAL A 256 -6.32 28.26 -0.17
C VAL A 256 -7.70 27.66 0.15
N SER A 257 -7.98 27.35 1.42
CA SER A 257 -9.25 26.70 1.86
C SER A 257 -10.45 27.64 1.63
N GLN A 258 -10.24 28.95 1.66
CA GLN A 258 -11.31 29.96 1.46
C GLN A 258 -11.57 30.21 -0.04
N ARG A 259 -10.78 29.67 -0.96
CA ARG A 259 -11.06 29.86 -2.39
C ARG A 259 -12.33 29.07 -2.73
N ARG A 260 -13.33 29.78 -3.25
CA ARG A 260 -14.70 29.26 -3.45
C ARG A 260 -14.69 28.34 -4.67
N VAL A 261 -15.47 27.25 -4.61
CA VAL A 261 -15.62 26.25 -5.70
C VAL A 261 -17.10 25.93 -5.95
N ASP A 262 -18.01 26.90 -5.79
CA ASP A 262 -19.48 26.70 -5.96
C ASP A 262 -19.93 27.15 -7.37
N PHE A 263 -19.29 28.17 -7.97
CA PHE A 263 -19.68 28.74 -9.28
C PHE A 263 -18.54 28.60 -10.30
N CYS A 264 -18.17 27.36 -10.66
CA CYS A 264 -17.06 27.05 -11.60
C CYS A 264 -17.58 26.96 -13.05
N LYS A 265 -16.82 27.49 -14.01
CA LYS A 265 -17.14 27.45 -15.46
C LYS A 265 -17.39 26.01 -15.90
N ASP A 266 -16.51 25.09 -15.49
CA ASP A 266 -16.68 23.61 -15.69
C ASP A 266 -17.59 23.09 -14.58
N PRO A 267 -18.78 22.53 -14.89
CA PRO A 267 -19.68 21.99 -13.85
C PRO A 267 -19.09 20.88 -12.96
N SER A 268 -18.23 20.03 -13.53
CA SER A 268 -17.60 18.85 -12.84
C SER A 268 -16.56 19.28 -11.80
N ALA A 269 -16.13 20.55 -11.81
CA ALA A 269 -15.18 21.13 -10.82
C ALA A 269 -15.90 21.63 -9.56
N ILE A 270 -17.23 21.75 -9.58
CA ILE A 270 -18.01 22.30 -8.44
C ILE A 270 -17.83 21.36 -7.23
N GLY A 271 -17.59 21.92 -6.04
CA GLY A 271 -17.46 21.17 -4.77
C GLY A 271 -16.05 20.62 -4.51
N LYS A 272 -15.12 20.75 -5.46
CA LYS A 272 -13.75 20.17 -5.32
C LYS A 272 -12.86 21.16 -4.56
N LYS A 273 -12.97 21.19 -3.23
CA LYS A 273 -12.22 22.15 -2.37
C LYS A 273 -10.75 21.70 -2.32
N GLN A 274 -9.90 22.67 -2.01
CA GLN A 274 -8.45 22.47 -1.80
C GLN A 274 -8.11 22.84 -0.38
N VAL A 275 -7.51 21.90 0.34
CA VAL A 275 -6.91 22.17 1.67
C VAL A 275 -5.47 21.65 1.68
N PRO A 276 -4.48 22.54 1.84
CA PRO A 276 -3.09 22.12 1.96
C PRO A 276 -2.86 21.60 3.38
N CYS A 277 -1.65 21.13 3.62
CA CYS A 277 -1.14 20.80 4.98
C CYS A 277 0.37 20.87 4.99
N PHE A 278 0.92 20.88 6.20
CA PHE A 278 2.37 20.72 6.43
C PHE A 278 2.55 19.74 7.56
N ALA A 279 3.61 18.96 7.43
CA ALA A 279 4.08 17.97 8.41
C ALA A 279 5.41 18.52 8.97
N SER A 280 5.37 19.01 10.20
CA SER A 280 6.55 19.60 10.86
C SER A 280 7.24 18.56 11.75
N MET A 281 8.54 18.45 11.55
CA MET A 281 9.46 17.81 12.52
CA MET A 281 9.46 17.81 12.52
C MET A 281 10.51 18.86 12.96
N LEU A 282 10.14 20.14 12.87
CA LEU A 282 11.02 21.23 13.35
C LEU A 282 11.07 21.16 14.88
N THR A 283 12.16 21.64 15.47
CA THR A 283 12.44 21.59 16.91
C THR A 283 12.50 23.01 17.45
N LYS A 284 12.42 24.03 16.60
CA LYS A 284 12.50 25.44 17.02
C LYS A 284 11.68 26.33 16.08
N LYS A 285 11.51 27.58 16.48
CA LYS A 285 10.84 28.62 15.68
C LYS A 285 11.77 28.98 14.52
N LEU A 286 11.20 29.15 13.34
CA LEU A 286 11.93 29.39 12.08
C LEU A 286 11.49 30.76 11.56
N HIS A 287 12.43 31.69 11.47
CA HIS A 287 12.22 33.05 10.90
C HIS A 287 13.24 33.28 9.78
N PHE A 288 12.86 34.10 8.81
CA PHE A 288 13.73 34.56 7.70
C PHE A 288 13.85 36.09 7.79
N PHE A 289 14.34 36.59 8.93
CA PHE A 289 14.64 38.03 9.14
C PHE A 289 15.71 38.46 8.14
N PRO A 290 15.63 39.70 7.63
CA PRO A 290 16.62 40.19 6.67
C PRO A 290 18.04 40.02 7.22
N LYS A 291 18.93 39.45 6.40
CA LYS A 291 20.36 39.28 6.76
C LYS A 291 21.12 40.60 6.60
N SER A 292 22.34 40.67 7.14
CA SER A 292 23.38 41.72 6.85
C SER A 292 23.90 41.59 5.41
N ASN A 293 23.70 42.62 4.59
CA ASN A 293 23.97 42.63 3.11
C ASN A 293 25.37 42.08 2.82
N MET B 30 -10.72 42.60 5.53
CA MET B 30 -9.26 42.88 5.72
C MET B 30 -8.58 41.69 6.40
N PHE B 31 -7.74 40.97 5.66
CA PHE B 31 -7.04 39.71 6.05
C PHE B 31 -6.01 39.97 7.16
N ASP B 32 -6.08 39.21 8.27
CA ASP B 32 -5.29 39.44 9.50
C ASP B 32 -4.28 38.31 9.71
N PRO B 33 -2.96 38.58 9.63
CA PRO B 33 -1.96 37.52 9.79
C PRO B 33 -1.85 36.92 11.20
N ALA B 34 -2.51 37.52 12.19
CA ALA B 34 -2.48 37.04 13.59
C ALA B 34 -3.87 36.55 14.04
N GLU B 35 -4.76 36.25 13.08
CA GLU B 35 -6.11 35.76 13.42
C GLU B 35 -6.03 34.49 14.28
N LYS B 36 -6.79 34.47 15.37
CA LYS B 36 -6.91 33.35 16.35
C LYS B 36 -8.25 32.68 16.12
N TYR B 37 -8.32 31.36 16.28
CA TYR B 37 -9.61 30.65 16.46
C TYR B 37 -10.35 31.32 17.62
N LYS B 38 -11.66 31.51 17.47
CA LYS B 38 -12.61 32.00 18.50
C LYS B 38 -12.64 30.95 19.65
N MET B 39 -12.05 31.26 20.79
CA MET B 39 -11.98 30.32 21.94
C MET B 39 -12.72 30.89 23.16
N ASP B 40 -13.88 31.53 22.93
CA ASP B 40 -14.67 32.25 23.97
C ASP B 40 -16.12 31.71 24.01
N HIS B 41 -16.32 30.44 23.64
CA HIS B 41 -17.61 29.73 23.80
C HIS B 41 -17.82 29.41 25.29
N ARG B 42 -19.01 28.95 25.66
CA ARG B 42 -19.34 28.62 27.08
C ARG B 42 -18.39 27.53 27.61
N ARG B 43 -18.09 26.51 26.81
CA ARG B 43 -17.25 25.35 27.20
C ARG B 43 -16.02 25.23 26.30
N ARG B 44 -14.91 24.70 26.82
CA ARG B 44 -13.72 24.35 25.99
C ARG B 44 -14.12 23.28 24.97
N GLY B 45 -14.78 22.24 25.45
CA GLY B 45 -15.24 21.09 24.66
C GLY B 45 -14.79 19.78 25.26
N ILE B 46 -14.98 18.70 24.52
CA ILE B 46 -14.68 17.32 24.98
C ILE B 46 -13.27 16.92 24.56
N ALA B 47 -12.58 16.18 25.42
CA ALA B 47 -11.38 15.38 25.09
C ALA B 47 -11.70 13.90 25.36
N LEU B 48 -11.77 13.10 24.31
CA LEU B 48 -11.83 11.61 24.40
C LEU B 48 -10.43 11.01 24.47
N ILE B 49 -10.25 10.05 25.36
CA ILE B 49 -8.99 9.27 25.47
C ILE B 49 -9.37 7.79 25.44
N PHE B 50 -9.02 7.12 24.34
CA PHE B 50 -9.17 5.66 24.18
C PHE B 50 -7.84 5.04 24.57
N ASN B 51 -7.83 4.38 25.73
CA ASN B 51 -6.65 3.79 26.37
C ASN B 51 -6.69 2.27 26.25
N HIS B 52 -5.67 1.68 25.61
CA HIS B 52 -5.63 0.24 25.28
C HIS B 52 -4.36 -0.37 25.87
N GLU B 53 -4.51 -1.15 26.93
CA GLU B 53 -3.40 -1.79 27.67
C GLU B 53 -3.24 -3.26 27.24
N ARG B 54 -4.34 -3.97 27.01
CA ARG B 54 -4.36 -5.42 26.73
C ARG B 54 -5.25 -5.64 25.50
N PHE B 55 -5.07 -6.76 24.82
CA PHE B 55 -5.75 -7.07 23.56
C PHE B 55 -6.22 -8.52 23.58
N PHE B 56 -7.28 -8.79 22.83
CA PHE B 56 -7.79 -10.15 22.57
C PHE B 56 -6.59 -11.09 22.29
N TRP B 57 -6.57 -12.27 22.92
CA TRP B 57 -5.41 -13.22 22.87
C TRP B 57 -5.04 -13.48 21.41
N HIS B 58 -6.02 -13.72 20.54
CA HIS B 58 -5.76 -14.17 19.15
C HIS B 58 -5.17 -13.05 18.28
N LEU B 59 -4.99 -11.82 18.80
CA LEU B 59 -4.30 -10.75 18.04
C LEU B 59 -2.79 -10.84 18.24
N THR B 60 -2.34 -11.47 19.32
CA THR B 60 -0.89 -11.68 19.59
C THR B 60 -0.22 -10.30 19.67
N LEU B 61 -0.81 -9.40 20.44
CA LEU B 61 -0.25 -8.04 20.67
C LEU B 61 0.21 -8.01 22.11
N PRO B 62 1.38 -7.45 22.40
CA PRO B 62 1.84 -7.35 23.79
C PRO B 62 1.04 -6.29 24.57
N GLU B 63 0.97 -6.46 25.88
CA GLU B 63 0.45 -5.45 26.84
C GLU B 63 1.26 -4.17 26.68
N ARG B 64 0.63 -3.02 26.96
CA ARG B 64 1.27 -1.69 26.86
C ARG B 64 1.37 -1.14 28.29
N ARG B 65 2.15 -1.83 29.11
CA ARG B 65 2.44 -1.44 30.52
C ARG B 65 2.95 0.00 30.48
N GLY B 66 2.30 0.89 31.24
CA GLY B 66 2.65 2.32 31.35
C GLY B 66 1.63 3.21 30.66
N THR B 67 0.74 2.64 29.86
CA THR B 67 -0.27 3.46 29.14
C THR B 67 -1.19 4.16 30.15
N CYS B 68 -1.41 3.57 31.32
CA CYS B 68 -2.32 4.15 32.34
CA CYS B 68 -2.29 4.14 32.37
C CYS B 68 -1.71 5.47 32.86
N ALA B 69 -0.40 5.59 32.96
CA ALA B 69 0.27 6.85 33.33
C ALA B 69 0.00 7.90 32.24
N ASP B 70 0.10 7.50 30.97
CA ASP B 70 -0.20 8.38 29.81
C ASP B 70 -1.64 8.90 29.93
N ARG B 71 -2.59 7.98 30.10
CA ARG B 71 -4.03 8.30 30.23
C ARG B 71 -4.24 9.32 31.37
N ASP B 72 -3.61 9.10 32.52
CA ASP B 72 -3.86 9.90 33.74
C ASP B 72 -3.21 11.27 33.54
N ASN B 73 -2.00 11.32 33.00
CA ASN B 73 -1.24 12.58 32.78
C ASN B 73 -2.02 13.46 31.80
N LEU B 74 -2.56 12.86 30.73
CA LEU B 74 -3.34 13.60 29.71
C LEU B 74 -4.63 14.10 30.35
N THR B 75 -5.28 13.26 31.17
CA THR B 75 -6.57 13.61 31.82
C THR B 75 -6.35 14.88 32.66
N ARG B 76 -5.31 14.91 33.47
CA ARG B 76 -5.02 16.08 34.35
C ARG B 76 -4.78 17.31 33.46
N ARG B 77 -3.92 17.22 32.44
CA ARG B 77 -3.50 18.42 31.67
C ARG B 77 -4.67 18.98 30.85
N PHE B 78 -5.47 18.12 30.26
CA PHE B 78 -6.60 18.58 29.41
C PHE B 78 -7.73 19.13 30.31
N SER B 79 -7.96 18.49 31.45
CA SER B 79 -8.93 18.96 32.46
C SER B 79 -8.52 20.37 32.92
N ASP B 80 -7.24 20.59 33.21
CA ASP B 80 -6.74 21.90 33.69
C ASP B 80 -6.92 22.97 32.61
N LEU B 81 -7.07 22.60 31.33
CA LEU B 81 -7.27 23.54 30.20
C LEU B 81 -8.77 23.71 29.91
N GLY B 82 -9.64 23.06 30.70
CA GLY B 82 -11.09 23.29 30.67
C GLY B 82 -11.84 22.24 29.89
N PHE B 83 -11.15 21.19 29.42
CA PHE B 83 -11.79 20.11 28.65
C PHE B 83 -12.63 19.24 29.60
N GLU B 84 -13.79 18.77 29.11
CA GLU B 84 -14.55 17.68 29.74
C GLU B 84 -13.90 16.38 29.23
N VAL B 85 -13.06 15.76 30.05
CA VAL B 85 -12.31 14.55 29.63
C VAL B 85 -13.15 13.29 29.88
N LYS B 86 -13.36 12.49 28.85
CA LYS B 86 -14.03 11.17 28.91
C LYS B 86 -13.02 10.09 28.49
N CYS B 87 -12.60 9.24 29.42
CA CYS B 87 -11.66 8.11 29.19
C CYS B 87 -12.43 6.81 29.04
N PHE B 88 -11.95 5.94 28.15
CA PHE B 88 -12.49 4.60 27.92
C PHE B 88 -11.31 3.63 27.85
N ASN B 89 -11.40 2.53 28.59
CA ASN B 89 -10.30 1.54 28.75
C ASN B 89 -10.69 0.25 28.03
N ASP B 90 -9.92 -0.11 26.99
CA ASP B 90 -9.94 -1.46 26.38
C ASP B 90 -11.30 -1.71 25.73
N LEU B 91 -11.91 -0.70 25.11
CA LEU B 91 -13.12 -0.90 24.31
C LEU B 91 -12.83 -1.83 23.12
N LYS B 92 -13.77 -2.69 22.82
CA LYS B 92 -13.86 -3.45 21.55
C LYS B 92 -14.31 -2.51 20.44
N ALA B 93 -14.12 -2.93 19.19
CA ALA B 93 -14.39 -2.09 18.02
C ALA B 93 -15.83 -1.55 18.10
N GLU B 94 -16.82 -2.41 18.34
CA GLU B 94 -18.26 -1.99 18.35
C GLU B 94 -18.47 -0.87 19.37
N GLU B 95 -18.02 -1.07 20.61
CA GLU B 95 -18.19 -0.10 21.71
C GLU B 95 -17.47 1.20 21.33
N LEU B 96 -16.27 1.11 20.75
CA LEU B 96 -15.47 2.32 20.46
C LEU B 96 -16.20 3.10 19.36
N LEU B 97 -16.69 2.42 18.32
CA LEU B 97 -17.41 3.10 17.22
C LEU B 97 -18.68 3.74 17.79
N LEU B 98 -19.34 3.08 18.74
CA LEU B 98 -20.57 3.60 19.37
C LEU B 98 -20.26 4.88 20.14
N LYS B 99 -19.23 4.89 20.99
CA LYS B 99 -18.92 6.06 21.83
C LYS B 99 -18.56 7.22 20.90
N ILE B 100 -17.73 6.99 19.89
CA ILE B 100 -17.16 8.12 19.12
C ILE B 100 -18.26 8.65 18.21
N HIS B 101 -19.17 7.80 17.72
CA HIS B 101 -20.36 8.27 16.95
C HIS B 101 -21.28 9.10 17.88
N GLU B 102 -21.55 8.67 19.11
CA GLU B 102 -22.34 9.44 20.10
C GLU B 102 -21.77 10.86 20.16
N VAL B 103 -20.48 10.98 20.40
CA VAL B 103 -19.78 12.28 20.66
C VAL B 103 -19.84 13.13 19.39
N SER B 104 -19.81 12.51 18.21
CA SER B 104 -19.82 13.23 16.92
C SER B 104 -21.22 13.76 16.57
N THR B 105 -22.31 13.21 17.12
CA THR B 105 -23.71 13.53 16.76
C THR B 105 -24.38 14.41 17.82
N VAL B 106 -23.72 14.60 18.95
CA VAL B 106 -24.06 15.58 20.02
C VAL B 106 -23.66 16.97 19.52
N SER B 107 -24.25 18.03 20.08
CA SER B 107 -23.98 19.42 19.67
C SER B 107 -22.66 19.89 20.31
N HIS B 108 -21.78 20.44 19.49
CA HIS B 108 -20.53 21.14 19.93
C HIS B 108 -20.72 22.65 19.78
N ALA B 109 -21.95 23.12 19.54
CA ALA B 109 -22.25 24.53 19.20
C ALA B 109 -21.70 25.46 20.28
N ASP B 110 -21.75 25.07 21.55
CA ASP B 110 -21.30 25.85 22.72
C ASP B 110 -19.84 25.54 23.10
N ALA B 111 -19.07 24.90 22.21
CA ALA B 111 -17.69 24.47 22.50
C ALA B 111 -16.69 25.19 21.60
N ASP B 112 -15.49 25.41 22.12
CA ASP B 112 -14.34 25.97 21.37
C ASP B 112 -13.80 24.93 20.37
N CYS B 113 -13.65 23.68 20.78
CA CYS B 113 -12.95 22.68 19.95
C CYS B 113 -13.23 21.25 20.42
N PHE B 114 -12.49 20.30 19.84
CA PHE B 114 -12.59 18.85 20.10
C PHE B 114 -11.20 18.24 20.09
N VAL B 115 -10.93 17.39 21.07
CA VAL B 115 -9.67 16.62 21.24
C VAL B 115 -10.04 15.14 21.35
N CYS B 116 -9.30 14.31 20.65
CA CYS B 116 -9.45 12.84 20.68
C CYS B 116 -8.05 12.23 20.74
N VAL B 117 -7.81 11.34 21.70
CA VAL B 117 -6.49 10.72 21.94
C VAL B 117 -6.63 9.20 21.82
N PHE B 118 -5.75 8.56 21.04
CA PHE B 118 -5.63 7.09 20.90
C PHE B 118 -4.28 6.64 21.45
N LEU B 119 -4.34 5.78 22.47
CA LEU B 119 -3.18 5.16 23.15
C LEU B 119 -3.30 3.66 22.91
N SER B 120 -2.62 3.14 21.91
CA SER B 120 -2.82 1.73 21.47
C SER B 120 -1.66 1.31 20.57
N HIS B 121 -1.76 0.12 20.01
CA HIS B 121 -0.97 -0.30 18.84
C HIS B 121 -1.69 0.17 17.59
N GLY B 122 -0.95 0.28 16.50
CA GLY B 122 -1.51 0.55 15.18
C GLY B 122 -0.61 0.04 14.07
N GLU B 123 -1.12 0.16 12.85
CA GLU B 123 -0.43 -0.27 11.62
C GLU B 123 -1.05 0.57 10.49
N GLY B 124 -0.21 1.28 9.74
CA GLY B 124 -0.62 2.05 8.57
C GLY B 124 -1.72 3.04 8.89
N ASN B 125 -2.89 2.81 8.32
CA ASN B 125 -4.10 3.67 8.43
C ASN B 125 -4.94 3.26 9.64
N HIS B 126 -4.47 2.32 10.47
CA HIS B 126 -5.33 1.67 11.49
C HIS B 126 -4.79 1.85 12.91
N ILE B 127 -5.73 1.86 13.85
CA ILE B 127 -5.50 1.82 15.31
C ILE B 127 -6.15 0.52 15.81
N TYR B 128 -5.60 -0.11 16.83
CA TYR B 128 -6.20 -1.32 17.42
C TYR B 128 -7.13 -0.91 18.56
N ALA B 129 -8.39 -1.34 18.48
CA ALA B 129 -9.26 -1.57 19.65
C ALA B 129 -8.84 -2.90 20.29
N TYR B 130 -9.58 -3.35 21.30
CA TYR B 130 -9.26 -4.59 22.05
C TYR B 130 -9.19 -5.79 21.09
N ASP B 131 -10.11 -5.86 20.12
CA ASP B 131 -10.42 -7.09 19.33
C ASP B 131 -10.11 -6.93 17.83
N ALA B 132 -9.91 -5.72 17.32
CA ALA B 132 -9.74 -5.51 15.86
C ALA B 132 -9.19 -4.12 15.56
N LYS B 133 -8.70 -3.98 14.34
CA LYS B 133 -8.18 -2.67 13.87
C LYS B 133 -9.34 -1.87 13.31
N ILE B 134 -9.21 -0.56 13.41
CA ILE B 134 -10.18 0.43 12.86
C ILE B 134 -9.39 1.44 12.04
N GLU B 135 -9.92 1.78 10.87
CA GLU B 135 -9.40 2.80 9.94
C GLU B 135 -9.50 4.17 10.61
N ILE B 136 -8.40 4.86 10.78
CA ILE B 136 -8.34 6.19 11.44
C ILE B 136 -9.25 7.17 10.69
N GLN B 137 -9.28 7.10 9.36
CA GLN B 137 -10.06 8.03 8.49
C GLN B 137 -11.56 7.93 8.82
N THR B 138 -12.06 6.77 9.23
CA THR B 138 -13.49 6.63 9.56
C THR B 138 -13.74 7.31 10.90
N LEU B 139 -12.75 7.40 11.79
CA LEU B 139 -12.90 8.09 13.09
C LEU B 139 -12.83 9.61 12.90
N THR B 140 -11.82 10.12 12.21
CA THR B 140 -11.68 11.57 11.92
C THR B 140 -12.84 12.03 11.04
N GLY B 141 -13.27 11.18 10.11
CA GLY B 141 -14.37 11.52 9.16
C GLY B 141 -15.65 11.91 9.87
N LEU B 142 -15.89 11.39 11.08
CA LEU B 142 -17.12 11.68 11.87
C LEU B 142 -17.17 13.16 12.24
N PHE B 143 -16.02 13.85 12.29
CA PHE B 143 -15.93 15.24 12.80
C PHE B 143 -15.68 16.24 11.66
N LYS B 144 -15.66 15.79 10.41
CA LYS B 144 -15.48 16.68 9.22
C LYS B 144 -16.74 17.54 9.05
N GLY B 145 -16.56 18.81 8.66
CA GLY B 145 -17.60 19.71 8.08
C GLY B 145 -18.99 19.09 7.93
N ASP B 146 -19.21 18.34 6.86
CA ASP B 146 -20.56 17.81 6.49
C ASP B 146 -21.19 17.07 7.67
N LYS B 147 -20.45 16.18 8.32
CA LYS B 147 -20.99 15.16 9.27
C LYS B 147 -21.17 15.76 10.68
N CYS B 148 -20.54 16.91 10.97
CA CYS B 148 -20.54 17.52 12.32
C CYS B 148 -20.54 19.05 12.18
N HIS B 149 -21.68 19.61 11.80
CA HIS B 149 -21.86 21.06 11.46
C HIS B 149 -21.38 21.93 12.63
N SER B 150 -21.58 21.50 13.89
CA SER B 150 -21.30 22.32 15.09
C SER B 150 -19.78 22.43 15.35
N LEU B 151 -18.94 21.75 14.59
CA LEU B 151 -17.47 21.88 14.73
C LEU B 151 -16.86 22.54 13.49
N VAL B 152 -17.68 22.92 12.52
CA VAL B 152 -17.18 23.60 11.29
C VAL B 152 -16.43 24.86 11.73
N GLY B 153 -15.22 25.05 11.20
CA GLY B 153 -14.36 26.19 11.54
C GLY B 153 -13.78 26.11 12.94
N LYS B 154 -13.90 24.96 13.62
CA LYS B 154 -13.30 24.84 14.99
C LYS B 154 -12.19 23.80 14.95
N PRO B 155 -11.14 23.96 15.78
CA PRO B 155 -10.02 23.02 15.80
C PRO B 155 -10.46 21.61 16.23
N LYS B 156 -10.00 20.60 15.50
CA LYS B 156 -10.20 19.17 15.78
C LYS B 156 -8.82 18.55 15.90
N ILE B 157 -8.45 18.18 17.11
CA ILE B 157 -7.06 17.77 17.45
C ILE B 157 -7.06 16.29 17.82
N PHE B 158 -6.37 15.47 17.03
CA PHE B 158 -6.14 14.04 17.29
C PHE B 158 -4.68 13.84 17.69
N ILE B 159 -4.50 13.15 18.80
CA ILE B 159 -3.16 12.79 19.33
C ILE B 159 -3.05 11.27 19.31
N ILE B 160 -2.03 10.75 18.63
CA ILE B 160 -1.91 9.30 18.36
C ILE B 160 -0.56 8.82 18.87
N GLN B 161 -0.62 8.05 19.96
CA GLN B 161 0.51 7.29 20.52
C GLN B 161 0.20 5.84 20.16
N ALA B 162 0.69 5.42 19.01
CA ALA B 162 0.44 4.07 18.47
C ALA B 162 1.61 3.67 17.60
N ALA B 163 2.13 2.49 17.86
CA ALA B 163 3.26 1.90 17.13
C ALA B 163 3.02 0.40 16.98
N ARG B 164 4.03 -0.31 16.49
CA ARG B 164 3.93 -1.75 16.16
C ARG B 164 4.14 -2.51 17.47
N GLY B 165 3.16 -3.32 17.86
CA GLY B 165 3.36 -4.30 18.95
C GLY B 165 4.33 -5.40 18.52
N ASN B 166 5.56 -5.37 19.06
CA ASN B 166 6.64 -6.35 18.75
C ASN B 166 6.30 -7.66 19.45
N GLN B 167 5.79 -8.66 18.70
CA GLN B 167 5.38 -10.01 19.22
C GLN B 167 4.24 -9.81 20.23
N THR B 187 12.06 -2.45 37.42
CA THR B 187 10.59 -2.33 37.65
C THR B 187 9.99 -1.29 36.68
N ASN B 188 10.69 -0.17 36.43
CA ASN B 188 10.37 0.83 35.35
C ASN B 188 11.38 0.61 34.21
N ILE B 189 11.05 -0.27 33.26
CA ILE B 189 11.90 -0.57 32.08
C ILE B 189 11.39 0.24 30.88
N THR B 190 12.26 0.49 29.90
CA THR B 190 11.91 1.25 28.68
C THR B 190 11.71 0.27 27.52
N GLU B 191 10.49 0.16 27.00
CA GLU B 191 10.10 -0.69 25.84
C GLU B 191 10.09 0.21 24.61
N VAL B 192 10.51 -0.33 23.47
CA VAL B 192 10.75 0.45 22.24
C VAL B 192 10.08 -0.28 21.08
N ASP B 193 9.31 0.47 20.32
CA ASP B 193 8.44 -0.02 19.22
C ASP B 193 8.87 0.72 17.96
N ALA B 194 8.84 0.04 16.83
CA ALA B 194 9.04 0.65 15.51
C ALA B 194 7.81 1.51 15.20
N ALA B 195 8.03 2.66 14.57
CA ALA B 195 6.94 3.47 13.96
C ALA B 195 6.17 2.60 12.99
N SER B 196 4.85 2.77 12.93
CA SER B 196 3.97 1.91 12.10
C SER B 196 2.79 2.69 11.55
N VAL B 197 2.33 3.74 12.24
CA VAL B 197 1.08 4.45 11.86
C VAL B 197 1.43 5.61 10.94
N TYR B 198 0.81 5.65 9.76
CA TYR B 198 1.01 6.74 8.79
C TYR B 198 0.67 8.06 9.49
N THR B 199 1.55 9.05 9.34
CA THR B 199 1.38 10.41 9.87
C THR B 199 0.55 11.23 8.89
N LEU B 200 -0.72 10.83 8.74
CA LEU B 200 -1.67 11.40 7.75
C LEU B 200 -2.35 12.63 8.34
N PRO B 201 -2.76 13.57 7.47
CA PRO B 201 -3.58 14.70 7.88
C PRO B 201 -5.04 14.21 7.89
N ALA B 202 -5.99 15.08 8.17
CA ALA B 202 -7.41 14.73 8.02
C ALA B 202 -7.99 15.81 7.09
N GLY B 203 -8.68 16.80 7.61
CA GLY B 203 -9.24 17.86 6.77
C GLY B 203 -9.05 19.23 7.37
N ALA B 204 -9.74 20.20 6.77
CA ALA B 204 -9.75 21.61 7.23
C ALA B 204 -9.95 21.63 8.74
N ASP B 205 -9.06 22.32 9.45
CA ASP B 205 -9.17 22.66 10.88
C ASP B 205 -8.88 21.42 11.74
N PHE B 206 -8.32 20.36 11.16
CA PHE B 206 -7.74 19.24 11.94
C PHE B 206 -6.24 19.49 12.16
N LEU B 207 -5.76 19.09 13.32
CA LEU B 207 -4.32 18.98 13.69
C LEU B 207 -4.09 17.54 14.14
N MET B 208 -3.26 16.79 13.42
CA MET B 208 -2.99 15.36 13.70
C MET B 208 -1.58 15.29 14.31
N CYS B 209 -1.48 14.85 15.56
CA CYS B 209 -0.23 14.85 16.36
C CYS B 209 0.19 13.40 16.55
N TYR B 210 1.41 13.05 16.14
CA TYR B 210 1.92 11.67 16.13
C TYR B 210 3.15 11.57 17.03
N SER B 211 3.21 10.50 17.82
CA SER B 211 4.31 10.25 18.78
C SER B 211 5.64 10.03 18.02
N VAL B 212 5.59 9.59 16.77
CA VAL B 212 6.79 9.12 16.02
C VAL B 212 6.52 9.11 14.51
N ALA B 213 7.55 9.45 13.73
CA ALA B 213 7.53 9.44 12.24
C ALA B 213 8.17 8.15 11.70
N GLU B 214 7.93 7.87 10.42
CA GLU B 214 8.50 6.70 9.68
C GLU B 214 10.03 6.67 9.92
N GLY B 215 10.56 5.48 10.16
CA GLY B 215 12.00 5.25 10.36
C GLY B 215 12.47 5.49 11.79
N TYR B 216 11.63 6.02 12.67
CA TYR B 216 12.00 6.32 14.07
C TYR B 216 11.32 5.33 15.00
N TYR B 217 11.56 5.46 16.30
CA TYR B 217 11.12 4.47 17.32
C TYR B 217 10.40 5.20 18.45
N SER B 218 9.34 4.56 18.95
CA SER B 218 8.49 5.06 20.05
C SER B 218 8.92 4.35 21.33
N HIS B 219 9.12 5.10 22.40
CA HIS B 219 9.56 4.60 23.73
C HIS B 219 8.43 4.73 24.77
N ARG B 220 8.28 3.72 25.61
CA ARG B 220 7.32 3.72 26.74
C ARG B 220 8.01 3.16 27.99
N GLU B 221 8.07 3.95 29.07
CA GLU B 221 8.52 3.48 30.41
C GLU B 221 7.32 2.82 31.09
N THR B 222 7.47 1.62 31.62
CA THR B 222 6.37 0.75 32.12
C THR B 222 5.69 1.38 33.34
N VAL B 223 6.32 2.34 34.00
CA VAL B 223 5.68 3.12 35.09
C VAL B 223 5.39 4.54 34.64
N ASN B 224 6.37 5.28 34.08
CA ASN B 224 6.24 6.74 33.80
C ASN B 224 5.51 7.04 32.49
N GLY B 225 5.35 6.03 31.63
CA GLY B 225 4.59 6.14 30.36
C GLY B 225 5.48 6.55 29.19
N SER B 226 4.84 6.93 28.09
CA SER B 226 5.47 7.21 26.78
C SER B 226 6.30 8.51 26.85
N TRP B 227 7.45 8.50 26.21
CA TRP B 227 8.32 9.69 26.13
C TRP B 227 7.51 10.86 25.57
N TYR B 228 6.77 10.62 24.51
CA TYR B 228 6.03 11.67 23.79
C TYR B 228 4.98 12.25 24.72
N ILE B 229 4.22 11.38 25.41
CA ILE B 229 3.11 11.82 26.31
C ILE B 229 3.71 12.51 27.53
N GLN B 230 4.84 12.04 28.06
CA GLN B 230 5.47 12.70 29.23
C GLN B 230 5.84 14.12 28.81
N ASP B 231 6.52 14.27 27.67
CA ASP B 231 7.02 15.58 27.19
C ASP B 231 5.83 16.47 26.78
N LEU B 232 4.81 15.91 26.13
CA LEU B 232 3.57 16.67 25.79
C LEU B 232 2.97 17.19 27.09
N CYS B 233 2.83 16.34 28.10
CA CYS B 233 2.10 16.69 29.36
C CYS B 233 2.92 17.69 30.19
N GLU B 234 4.24 17.57 30.22
CA GLU B 234 5.11 18.60 30.85
C GLU B 234 4.90 19.95 30.16
N MET B 235 4.88 19.98 28.82
CA MET B 235 4.74 21.25 28.07
C MET B 235 3.31 21.80 28.23
N LEU B 236 2.29 20.93 28.27
CA LEU B 236 0.92 21.41 28.54
C LEU B 236 0.90 22.07 29.92
N GLY B 237 1.58 21.46 30.89
CA GLY B 237 1.60 21.92 32.29
C GLY B 237 2.19 23.31 32.40
N LYS B 238 3.34 23.52 31.79
CA LYS B 238 4.07 24.82 31.87
C LYS B 238 3.48 25.86 30.90
N TYR B 239 3.07 25.49 29.68
CA TYR B 239 2.88 26.46 28.57
C TYR B 239 1.51 26.33 27.90
N GLY B 240 0.73 25.30 28.22
CA GLY B 240 -0.55 25.03 27.52
C GLY B 240 -1.46 26.25 27.51
N SER B 241 -1.44 27.03 28.59
CA SER B 241 -2.43 28.12 28.82
C SER B 241 -1.94 29.44 28.20
N SER B 242 -0.70 29.52 27.69
CA SER B 242 -0.11 30.77 27.15
C SER B 242 0.33 30.64 25.68
N LEU B 243 1.04 29.56 25.32
CA LEU B 243 1.67 29.35 24.00
C LEU B 243 0.65 28.88 22.96
N GLU B 244 0.84 29.30 21.71
CA GLU B 244 0.13 28.75 20.53
C GLU B 244 0.40 27.24 20.48
N PHE B 245 -0.62 26.44 20.20
CA PHE B 245 -0.53 24.98 20.42
C PHE B 245 0.51 24.35 19.49
N THR B 246 0.67 24.82 18.24
CA THR B 246 1.69 24.23 17.30
C THR B 246 3.10 24.64 17.76
N GLU B 247 3.24 25.81 18.36
CA GLU B 247 4.50 26.28 19.01
C GLU B 247 4.85 25.28 20.14
N LEU B 248 3.86 24.87 20.93
CA LEU B 248 4.03 23.90 22.05
C LEU B 248 4.41 22.52 21.49
N LEU B 249 3.73 22.05 20.43
CA LEU B 249 4.07 20.74 19.81
C LEU B 249 5.52 20.76 19.29
N THR B 250 5.99 21.93 18.86
CA THR B 250 7.40 22.11 18.38
C THR B 250 8.35 21.92 19.55
N LEU B 251 7.98 22.39 20.75
CA LEU B 251 8.80 22.15 21.97
C LEU B 251 8.83 20.66 22.23
N VAL B 252 7.70 19.99 22.05
CA VAL B 252 7.64 18.53 22.30
C VAL B 252 8.59 17.83 21.32
N ASN B 253 8.62 18.25 20.06
CA ASN B 253 9.53 17.67 19.04
C ASN B 253 10.97 17.79 19.54
N ARG B 254 11.35 18.96 20.05
CA ARG B 254 12.73 19.18 20.56
C ARG B 254 12.99 18.28 21.77
N LYS B 255 12.11 18.30 22.77
CA LYS B 255 12.28 17.53 24.03
C LYS B 255 12.48 16.06 23.67
N VAL B 256 11.59 15.50 22.87
CA VAL B 256 11.61 14.04 22.57
C VAL B 256 12.88 13.72 21.77
N SER B 257 13.22 14.53 20.76
CA SER B 257 14.37 14.29 19.85
C SER B 257 15.70 14.40 20.63
N GLN B 258 15.75 15.19 21.72
CA GLN B 258 16.96 15.36 22.57
C GLN B 258 17.11 14.21 23.57
N ARG B 259 16.14 13.31 23.71
CA ARG B 259 16.30 12.18 24.66
C ARG B 259 17.35 11.23 24.09
N ARG B 260 18.40 11.00 24.87
CA ARG B 260 19.64 10.30 24.42
C ARG B 260 19.32 8.80 24.36
N VAL B 261 19.88 8.11 23.36
CA VAL B 261 19.71 6.64 23.14
C VAL B 261 21.08 5.97 22.88
N ASP B 262 22.15 6.45 23.52
CA ASP B 262 23.53 5.90 23.34
C ASP B 262 23.87 4.91 24.47
N PHE B 263 23.36 5.12 25.70
CA PHE B 263 23.70 4.27 26.89
C PHE B 263 22.43 3.61 27.43
N CYS B 264 21.82 2.70 26.65
CA CYS B 264 20.57 1.96 27.02
C CYS B 264 20.92 0.65 27.71
N LYS B 265 20.17 0.27 28.75
CA LYS B 265 20.34 -1.00 29.53
C LYS B 265 20.31 -2.18 28.55
N ASP B 266 19.32 -2.20 27.66
CA ASP B 266 19.21 -3.18 26.54
C ASP B 266 20.11 -2.73 25.40
N PRO B 267 21.15 -3.50 25.00
CA PRO B 267 22.03 -3.10 23.89
C PRO B 267 21.34 -2.88 22.53
N SER B 268 20.28 -3.64 22.23
CA SER B 268 19.54 -3.61 20.94
C SER B 268 18.69 -2.32 20.81
N ALA B 269 18.51 -1.56 21.88
CA ALA B 269 17.79 -0.26 21.90
C ALA B 269 18.71 0.91 21.52
N ILE B 270 20.03 0.70 21.50
CA ILE B 270 21.02 1.80 21.23
C ILE B 270 20.79 2.30 19.78
N GLY B 271 20.78 3.62 19.60
CA GLY B 271 20.64 4.27 18.27
C GLY B 271 19.19 4.48 17.83
N LYS B 272 18.21 3.94 18.57
CA LYS B 272 16.77 3.99 18.16
C LYS B 272 16.17 5.33 18.61
N LYS B 273 16.40 6.40 17.87
CA LYS B 273 15.96 7.77 18.23
C LYS B 273 14.44 7.86 17.99
N GLN B 274 13.83 8.81 18.68
CA GLN B 274 12.40 9.14 18.56
C GLN B 274 12.29 10.58 18.08
N VAL B 275 11.60 10.76 16.96
CA VAL B 275 11.18 12.10 16.48
C VAL B 275 9.69 12.09 16.21
N PRO B 276 8.91 12.90 16.96
CA PRO B 276 7.48 13.03 16.67
C PRO B 276 7.28 13.96 15.47
N CYS B 277 6.03 14.14 15.07
CA CYS B 277 5.61 15.18 14.10
C CYS B 277 4.14 15.50 14.29
N PHE B 278 3.72 16.60 13.68
CA PHE B 278 2.30 16.97 13.56
C PHE B 278 2.06 17.39 12.13
N ALA B 279 0.86 17.06 11.66
CA ALA B 279 0.32 17.41 10.35
C ALA B 279 -0.81 18.41 10.60
N SER B 280 -0.55 19.69 10.29
CA SER B 280 -1.52 20.78 10.52
C SER B 280 -2.31 21.07 9.25
N MET B 281 -3.62 21.10 9.39
CA MET B 281 -4.56 21.71 8.43
CA MET B 281 -4.56 21.71 8.43
C MET B 281 -5.32 22.84 9.14
N LEU B 282 -4.72 23.40 10.19
CA LEU B 282 -5.33 24.56 10.91
C LEU B 282 -5.23 25.78 9.98
N THR B 283 -6.16 26.71 10.15
CA THR B 283 -6.31 27.92 9.32
C THR B 283 -6.04 29.16 10.18
N LYS B 284 -5.86 28.99 11.49
CA LYS B 284 -5.62 30.13 12.42
C LYS B 284 -4.74 29.68 13.58
N LYS B 285 -4.28 30.65 14.37
CA LYS B 285 -3.51 30.42 15.61
C LYS B 285 -4.48 29.85 16.65
N LEU B 286 -4.01 28.86 17.39
CA LEU B 286 -4.80 28.11 18.39
C LEU B 286 -4.15 28.36 19.75
N HIS B 287 -4.91 28.96 20.66
CA HIS B 287 -4.51 29.21 22.06
C HIS B 287 -5.56 28.62 22.98
N PHE B 288 -5.13 28.20 24.17
CA PHE B 288 -6.00 27.70 25.26
C PHE B 288 -5.83 28.62 26.47
N PHE B 289 -6.08 29.92 26.28
CA PHE B 289 -6.09 30.93 27.37
C PHE B 289 -7.15 30.55 28.40
N PRO B 290 -6.90 30.78 29.70
CA PRO B 290 -7.88 30.46 30.75
C PRO B 290 -9.24 31.08 30.42
N LYS B 291 -10.29 30.27 30.51
CA LYS B 291 -11.69 30.74 30.29
C LYS B 291 -12.23 31.48 31.52
N SER B 292 -13.34 32.20 31.31
CA SER B 292 -14.04 33.07 32.29
C SER B 292 -15.55 32.86 32.16
N MET C 30 13.28 -40.47 -7.79
CA MET C 30 12.99 -40.37 -9.26
C MET C 30 11.84 -39.37 -9.50
N PHE C 31 12.14 -38.21 -10.10
CA PHE C 31 11.25 -37.04 -10.21
C PHE C 31 10.07 -37.30 -11.16
N ASP C 32 8.83 -37.08 -10.70
CA ASP C 32 7.60 -37.49 -11.43
C ASP C 32 6.79 -36.26 -11.85
N PRO C 33 6.68 -35.95 -13.15
CA PRO C 33 5.95 -34.77 -13.60
C PRO C 33 4.42 -34.81 -13.39
N ALA C 34 3.88 -35.97 -13.03
CA ALA C 34 2.43 -36.14 -12.79
C ALA C 34 2.15 -36.42 -11.30
N GLU C 35 3.11 -36.13 -10.40
CA GLU C 35 2.93 -36.38 -8.96
C GLU C 35 1.67 -35.65 -8.45
N LYS C 36 0.82 -36.40 -7.74
CA LYS C 36 -0.45 -35.94 -7.12
C LYS C 36 -0.20 -35.81 -5.62
N TYR C 37 -0.81 -34.83 -4.97
CA TYR C 37 -0.97 -34.82 -3.50
C TYR C 37 -1.62 -36.14 -3.11
N LYS C 38 -1.14 -36.74 -2.01
CA LYS C 38 -1.71 -37.94 -1.36
C LYS C 38 -3.13 -37.59 -0.88
N MET C 39 -4.16 -38.12 -1.55
CA MET C 39 -5.57 -37.84 -1.21
C MET C 39 -6.27 -39.16 -0.80
N ASP C 40 -5.56 -40.01 -0.06
CA ASP C 40 -6.04 -41.37 0.35
C ASP C 40 -6.02 -41.51 1.89
N HIS C 41 -6.17 -40.42 2.62
CA HIS C 41 -6.37 -40.41 4.09
C HIS C 41 -7.81 -40.89 4.37
N ARG C 42 -8.11 -41.17 5.63
CA ARG C 42 -9.42 -41.71 6.07
C ARG C 42 -10.53 -40.72 5.69
N ARG C 43 -10.32 -39.41 5.85
CA ARG C 43 -11.35 -38.41 5.50
C ARG C 43 -10.76 -37.31 4.60
N ARG C 44 -11.65 -36.64 3.86
CA ARG C 44 -11.27 -35.52 2.97
C ARG C 44 -10.70 -34.37 3.80
N GLY C 45 -11.42 -34.01 4.86
CA GLY C 45 -11.07 -32.88 5.75
C GLY C 45 -12.21 -31.90 5.90
N ILE C 46 -11.91 -30.75 6.52
CA ILE C 46 -12.93 -29.72 6.83
C ILE C 46 -12.98 -28.67 5.72
N ALA C 47 -14.18 -28.19 5.41
CA ALA C 47 -14.44 -26.93 4.66
C ALA C 47 -15.18 -25.96 5.58
N LEU C 48 -14.55 -24.86 5.97
CA LEU C 48 -15.19 -23.73 6.68
C LEU C 48 -15.80 -22.76 5.67
N ILE C 49 -17.00 -22.28 5.98
CA ILE C 49 -17.66 -21.19 5.21
C ILE C 49 -18.07 -20.12 6.21
N PHE C 50 -17.43 -18.96 6.12
CA PHE C 50 -17.82 -17.73 6.85
C PHE C 50 -18.71 -16.92 5.94
N ASN C 51 -20.01 -16.87 6.26
CA ASN C 51 -21.08 -16.24 5.45
C ASN C 51 -21.54 -14.96 6.14
N HIS C 52 -21.41 -13.83 5.45
CA HIS C 52 -21.67 -12.48 6.00
C HIS C 52 -22.71 -11.78 5.14
N GLU C 53 -23.92 -11.63 5.67
CA GLU C 53 -25.07 -11.04 4.95
C GLU C 53 -25.26 -9.58 5.39
N ARG C 54 -25.09 -9.31 6.68
CA ARG C 54 -25.39 -8.00 7.31
CA ARG C 54 -25.39 -8.00 7.31
C ARG C 54 -24.17 -7.60 8.15
N PHE C 55 -24.03 -6.31 8.42
CA PHE C 55 -22.86 -5.75 9.12
C PHE C 55 -23.31 -4.73 10.16
N PHE C 56 -22.52 -4.57 11.20
CA PHE C 56 -22.69 -3.51 12.21
C PHE C 56 -23.01 -2.17 11.52
N TRP C 57 -24.02 -1.43 12.00
CA TRP C 57 -24.52 -0.20 11.34
C TRP C 57 -23.34 0.75 11.11
N HIS C 58 -22.43 0.94 12.09
CA HIS C 58 -21.37 1.97 11.99
C HIS C 58 -20.32 1.64 10.93
N LEU C 59 -20.39 0.49 10.26
CA LEU C 59 -19.45 0.16 9.15
C LEU C 59 -19.98 0.72 7.83
N THR C 60 -21.29 0.94 7.73
CA THR C 60 -21.93 1.52 6.52
C THR C 60 -21.65 0.56 5.36
N LEU C 61 -21.88 -0.74 5.56
CA LEU C 61 -21.72 -1.75 4.49
C LEU C 61 -23.10 -2.24 4.12
N PRO C 62 -23.41 -2.35 2.81
CA PRO C 62 -24.72 -2.84 2.38
C PRO C 62 -24.89 -4.33 2.67
N GLU C 63 -26.14 -4.77 2.83
CA GLU C 63 -26.50 -6.21 2.92
C GLU C 63 -26.02 -6.92 1.65
N ARG C 64 -25.73 -8.22 1.76
CA ARG C 64 -25.27 -9.06 0.64
C ARG C 64 -26.38 -10.09 0.36
N ARG C 65 -27.55 -9.58 -0.03
CA ARG C 65 -28.72 -10.41 -0.40
C ARG C 65 -28.27 -11.38 -1.49
N GLY C 66 -28.48 -12.69 -1.27
CA GLY C 66 -28.07 -13.77 -2.20
C GLY C 66 -26.93 -14.61 -1.63
N THR C 67 -26.25 -14.12 -0.60
CA THR C 67 -25.08 -14.86 -0.06
C THR C 67 -25.52 -16.22 0.51
N CYS C 68 -26.75 -16.35 1.00
CA CYS C 68 -27.23 -17.62 1.58
C CYS C 68 -27.33 -18.69 0.49
N ALA C 69 -27.68 -18.31 -0.74
CA ALA C 69 -27.66 -19.24 -1.90
C ALA C 69 -26.22 -19.73 -2.14
N ASP C 70 -25.26 -18.82 -2.11
CA ASP C 70 -23.82 -19.15 -2.26
C ASP C 70 -23.43 -20.16 -1.19
N ARG C 71 -23.73 -19.86 0.08
CA ARG C 71 -23.40 -20.71 1.24
C ARG C 71 -23.97 -22.11 1.02
N ASP C 72 -25.22 -22.22 0.59
CA ASP C 72 -25.94 -23.52 0.49
C ASP C 72 -25.37 -24.30 -0.70
N ASN C 73 -25.13 -23.61 -1.82
CA ASN C 73 -24.59 -24.25 -3.07
C ASN C 73 -23.20 -24.82 -2.76
N LEU C 74 -22.36 -24.07 -2.03
CA LEU C 74 -20.99 -24.52 -1.66
C LEU C 74 -21.09 -25.68 -0.70
N THR C 75 -22.01 -25.63 0.27
CA THR C 75 -22.21 -26.71 1.27
C THR C 75 -22.50 -28.02 0.54
N ARG C 76 -23.42 -28.02 -0.42
CA ARG C 76 -23.78 -29.23 -1.19
C ARG C 76 -22.55 -29.72 -1.96
N ARG C 77 -21.85 -28.86 -2.69
CA ARG C 77 -20.77 -29.31 -3.60
C ARG C 77 -19.57 -29.85 -2.81
N PHE C 78 -19.23 -29.20 -1.71
CA PHE C 78 -18.06 -29.63 -0.90
C PHE C 78 -18.42 -30.91 -0.14
N SER C 79 -19.64 -31.01 0.36
CA SER C 79 -20.16 -32.26 1.00
C SER C 79 -20.06 -33.41 0.00
N ASP C 80 -20.49 -33.20 -1.24
CA ASP C 80 -20.50 -34.28 -2.28
C ASP C 80 -19.06 -34.72 -2.60
N LEU C 81 -18.05 -33.90 -2.29
CA LEU C 81 -16.61 -34.25 -2.52
C LEU C 81 -15.99 -34.82 -1.25
N GLY C 82 -16.76 -34.99 -0.19
CA GLY C 82 -16.36 -35.74 1.02
C GLY C 82 -15.96 -34.83 2.18
N PHE C 83 -16.10 -33.52 2.03
CA PHE C 83 -15.72 -32.54 3.07
C PHE C 83 -16.75 -32.59 4.21
N GLU C 84 -16.28 -32.42 5.44
CA GLU C 84 -17.11 -32.05 6.60
C GLU C 84 -17.27 -30.52 6.53
N VAL C 85 -18.42 -30.05 6.07
CA VAL C 85 -18.68 -28.59 5.92
C VAL C 85 -19.20 -28.01 7.22
N LYS C 86 -18.55 -26.96 7.73
CA LYS C 86 -18.96 -26.19 8.91
C LYS C 86 -19.20 -24.74 8.50
N CYS C 87 -20.44 -24.26 8.56
CA CYS C 87 -20.84 -22.87 8.19
C CYS C 87 -21.07 -22.04 9.44
N PHE C 88 -20.71 -20.76 9.38
CA PHE C 88 -20.89 -19.76 10.45
C PHE C 88 -21.41 -18.48 9.82
N ASN C 89 -22.47 -17.92 10.40
CA ASN C 89 -23.24 -16.79 9.80
C ASN C 89 -23.02 -15.56 10.67
N ASP C 90 -22.41 -14.52 10.09
CA ASP C 90 -22.38 -13.15 10.66
C ASP C 90 -21.62 -13.15 11.99
N LEU C 91 -20.54 -13.93 12.11
CA LEU C 91 -19.67 -13.86 13.30
C LEU C 91 -19.01 -12.49 13.37
N LYS C 92 -18.87 -12.00 14.59
CA LYS C 92 -18.00 -10.85 14.94
C LYS C 92 -16.55 -11.30 14.92
N ALA C 93 -15.62 -10.36 14.87
CA ALA C 93 -14.17 -10.61 14.73
C ALA C 93 -13.72 -11.62 15.80
N GLU C 94 -14.07 -11.40 17.07
CA GLU C 94 -13.60 -12.26 18.17
C GLU C 94 -14.07 -13.70 17.94
N GLU C 95 -15.36 -13.90 17.67
CA GLU C 95 -15.95 -15.23 17.46
C GLU C 95 -15.28 -15.86 16.24
N LEU C 96 -15.05 -15.09 15.16
CA LEU C 96 -14.51 -15.67 13.92
C LEU C 96 -13.08 -16.13 14.21
N LEU C 97 -12.28 -15.32 14.90
CA LEU C 97 -10.89 -15.68 15.22
C LEU C 97 -10.91 -16.90 16.13
N LEU C 98 -11.88 -17.01 17.04
CA LEU C 98 -12.00 -18.17 17.97
C LEU C 98 -12.27 -19.43 17.17
N LYS C 99 -13.24 -19.42 16.24
CA LYS C 99 -13.60 -20.65 15.49
C LYS C 99 -12.41 -21.07 14.63
N ILE C 100 -11.77 -20.12 13.95
CA ILE C 100 -10.76 -20.52 12.95
C ILE C 100 -9.50 -20.96 13.70
N HIS C 101 -9.21 -20.39 14.87
CA HIS C 101 -8.10 -20.88 15.73
C HIS C 101 -8.42 -22.28 16.25
N GLU C 102 -9.64 -22.57 16.71
CA GLU C 102 -10.06 -23.94 17.12
C GLU C 102 -9.67 -24.92 16.00
N VAL C 103 -10.12 -24.64 14.77
CA VAL C 103 -9.96 -25.54 13.60
C VAL C 103 -8.48 -25.71 13.28
N SER C 104 -7.68 -24.67 13.47
CA SER C 104 -6.22 -24.69 13.16
C SER C 104 -5.40 -25.46 14.20
N THR C 105 -5.90 -25.68 15.43
CA THR C 105 -5.13 -26.29 16.56
C THR C 105 -5.57 -27.73 16.82
N VAL C 106 -6.65 -28.16 16.18
CA VAL C 106 -7.17 -29.55 16.15
C VAL C 106 -6.28 -30.35 15.18
N SER C 107 -6.26 -31.68 15.28
CA SER C 107 -5.46 -32.56 14.39
C SER C 107 -6.18 -32.76 13.05
N HIS C 108 -5.47 -32.53 11.94
CA HIS C 108 -5.89 -32.86 10.55
C HIS C 108 -5.11 -34.06 10.02
N ALA C 109 -4.45 -34.80 10.93
CA ALA C 109 -3.49 -35.88 10.56
C ALA C 109 -4.17 -36.92 9.65
N ASP C 110 -5.45 -37.21 9.85
CA ASP C 110 -6.18 -38.24 9.07
C ASP C 110 -6.99 -37.60 7.93
N ALA C 111 -6.62 -36.39 7.51
CA ALA C 111 -7.36 -35.64 6.46
C ALA C 111 -6.44 -35.41 5.25
N ASP C 112 -7.05 -35.36 4.07
CA ASP C 112 -6.37 -35.03 2.79
C ASP C 112 -5.98 -33.55 2.72
N CYS C 113 -6.87 -32.65 3.11
CA CYS C 113 -6.65 -31.21 2.89
C CYS C 113 -7.58 -30.36 3.76
N PHE C 114 -7.58 -29.06 3.50
CA PHE C 114 -8.37 -28.04 4.20
C PHE C 114 -8.86 -26.99 3.20
N VAL C 115 -10.13 -26.63 3.35
CA VAL C 115 -10.81 -25.60 2.55
C VAL C 115 -11.43 -24.58 3.51
N CYS C 116 -11.26 -23.30 3.20
CA CYS C 116 -11.86 -22.18 3.95
C CYS C 116 -12.44 -21.21 2.93
N VAL C 117 -13.71 -20.82 3.13
CA VAL C 117 -14.44 -19.91 2.21
C VAL C 117 -14.88 -18.68 2.99
N PHE C 118 -14.61 -17.48 2.45
CA PHE C 118 -15.08 -16.18 2.96
C PHE C 118 -16.05 -15.57 1.96
N LEU C 119 -17.27 -15.32 2.41
CA LEU C 119 -18.37 -14.66 1.64
C LEU C 119 -18.67 -13.37 2.38
N SER C 120 -18.09 -12.25 1.95
CA SER C 120 -18.21 -10.98 2.71
C SER C 120 -17.81 -9.81 1.82
N HIS C 121 -17.72 -8.63 2.42
CA HIS C 121 -16.99 -7.48 1.86
C HIS C 121 -15.52 -7.59 2.28
N GLY C 122 -14.63 -6.91 1.56
CA GLY C 122 -13.20 -6.80 1.89
C GLY C 122 -12.59 -5.52 1.35
N GLU C 123 -11.36 -5.24 1.75
CA GLU C 123 -10.56 -4.08 1.30
C GLU C 123 -9.09 -4.49 1.46
N GLY C 124 -8.32 -4.44 0.38
CA GLY C 124 -6.88 -4.71 0.38
C GLY C 124 -6.57 -6.05 0.97
N ASN C 125 -5.90 -6.07 2.11
CA ASN C 125 -5.40 -7.27 2.81
C ASN C 125 -6.48 -7.78 3.79
N HIS C 126 -7.68 -7.21 3.77
CA HIS C 126 -8.70 -7.44 4.83
C HIS C 126 -9.99 -8.03 4.29
N ILE C 127 -10.65 -8.80 5.15
CA ILE C 127 -12.02 -9.34 4.98
C ILE C 127 -12.85 -8.73 6.11
N TYR C 128 -14.14 -8.50 5.90
CA TYR C 128 -15.02 -7.96 6.98
C TYR C 128 -15.68 -9.14 7.66
N ALA C 129 -15.52 -9.20 8.99
CA ALA C 129 -16.48 -9.87 9.90
C ALA C 129 -17.67 -8.92 10.09
N TYR C 130 -18.59 -9.23 11.00
CA TYR C 130 -19.82 -8.43 11.23
C TYR C 130 -19.42 -7.01 11.66
N ASP C 131 -18.38 -6.88 12.49
CA ASP C 131 -18.10 -5.64 13.27
C ASP C 131 -16.76 -5.00 12.89
N ALA C 132 -15.84 -5.71 12.23
CA ALA C 132 -14.52 -5.13 11.90
C ALA C 132 -13.81 -5.95 10.84
N LYS C 133 -12.75 -5.35 10.28
CA LYS C 133 -11.92 -6.02 9.28
C LYS C 133 -10.88 -6.89 9.99
N ILE C 134 -10.51 -7.96 9.32
CA ILE C 134 -9.45 -8.90 9.76
C ILE C 134 -8.47 -9.05 8.60
N GLU C 135 -7.18 -9.00 8.92
CA GLU C 135 -6.06 -9.24 7.98
C GLU C 135 -6.13 -10.70 7.50
N ILE C 136 -6.23 -10.91 6.20
CA ILE C 136 -6.32 -12.27 5.59
C ILE C 136 -5.10 -13.10 6.00
N GLN C 137 -3.91 -12.49 6.05
CA GLN C 137 -2.63 -13.14 6.39
C GLN C 137 -2.69 -13.78 7.80
N THR C 138 -3.45 -13.20 8.73
CA THR C 138 -3.53 -13.74 10.10
C THR C 138 -4.42 -14.99 10.06
N LEU C 139 -5.36 -15.06 9.14
CA LEU C 139 -6.23 -16.27 8.99
C LEU C 139 -5.46 -17.40 8.29
N THR C 140 -4.82 -17.12 7.16
CA THR C 140 -4.01 -18.12 6.41
C THR C 140 -2.82 -18.55 7.25
N GLY C 141 -2.23 -17.61 8.00
CA GLY C 141 -1.02 -17.87 8.80
C GLY C 141 -1.26 -18.98 9.83
N LEU C 142 -2.51 -19.16 10.28
CA LEU C 142 -2.84 -20.20 11.28
C LEU C 142 -2.62 -21.60 10.71
N PHE C 143 -2.60 -21.76 9.38
CA PHE C 143 -2.50 -23.08 8.72
C PHE C 143 -1.13 -23.30 8.08
N LYS C 144 -0.19 -22.38 8.23
CA LYS C 144 1.19 -22.52 7.69
C LYS C 144 1.94 -23.55 8.54
N GLY C 145 2.78 -24.36 7.88
CA GLY C 145 3.83 -25.23 8.45
C GLY C 145 3.90 -25.24 9.97
N ASP C 146 4.60 -24.28 10.57
CA ASP C 146 4.93 -24.32 12.02
C ASP C 146 3.64 -24.45 12.85
N LYS C 147 2.61 -23.67 12.53
CA LYS C 147 1.42 -23.46 13.40
C LYS C 147 0.40 -24.59 13.25
N CYS C 148 0.48 -25.39 12.17
CA CYS C 148 -0.47 -26.50 11.91
C CYS C 148 0.25 -27.68 11.27
N HIS C 149 1.02 -28.41 12.07
CA HIS C 149 1.94 -29.50 11.63
C HIS C 149 1.16 -30.55 10.82
N SER C 150 -0.09 -30.84 11.19
CA SER C 150 -0.88 -31.94 10.57
C SER C 150 -1.37 -31.57 9.16
N LEU C 151 -1.13 -30.33 8.70
CA LEU C 151 -1.51 -29.94 7.31
C LEU C 151 -0.25 -29.69 6.48
N VAL C 152 0.94 -29.84 7.07
CA VAL C 152 2.21 -29.62 6.33
C VAL C 152 2.23 -30.54 5.13
N GLY C 153 2.55 -29.99 3.95
CA GLY C 153 2.60 -30.77 2.70
C GLY C 153 1.22 -31.14 2.20
N LYS C 154 0.13 -30.59 2.76
CA LYS C 154 -1.24 -30.88 2.26
C LYS C 154 -1.83 -29.60 1.70
N PRO C 155 -2.72 -29.70 0.69
CA PRO C 155 -3.31 -28.52 0.07
C PRO C 155 -4.19 -27.74 1.07
N LYS C 156 -4.02 -26.42 1.08
CA LYS C 156 -4.81 -25.46 1.89
C LYS C 156 -5.43 -24.48 0.91
N ILE C 157 -6.75 -24.55 0.74
CA ILE C 157 -7.48 -23.85 -0.34
C ILE C 157 -8.40 -22.82 0.29
N PHE C 158 -8.15 -21.54 0.00
CA PHE C 158 -9.01 -20.42 0.42
C PHE C 158 -9.73 -19.87 -0.82
N ILE C 159 -11.03 -19.75 -0.70
CA ILE C 159 -11.91 -19.19 -1.74
C ILE C 159 -12.51 -17.92 -1.16
N ILE C 160 -12.31 -16.80 -1.85
CA ILE C 160 -12.66 -15.46 -1.33
C ILE C 160 -13.58 -14.78 -2.34
N GLN C 161 -14.83 -14.63 -1.94
CA GLN C 161 -15.87 -13.84 -2.61
C GLN C 161 -16.02 -12.61 -1.74
N ALA C 162 -15.26 -11.57 -2.04
CA ALA C 162 -15.25 -10.33 -1.26
C ALA C 162 -14.84 -9.20 -2.17
N ALA C 163 -15.63 -8.12 -2.12
CA ALA C 163 -15.39 -6.89 -2.89
C ALA C 163 -15.78 -5.69 -2.02
N ARG C 164 -15.82 -4.51 -2.62
CA ARG C 164 -16.07 -3.23 -1.92
C ARG C 164 -17.58 -3.12 -1.75
N GLY C 165 -18.06 -3.00 -0.52
CA GLY C 165 -19.45 -2.60 -0.26
C GLY C 165 -19.67 -1.15 -0.66
N ASN C 166 -20.40 -0.92 -1.78
CA ASN C 166 -20.78 0.41 -2.31
C ASN C 166 -21.80 1.04 -1.36
N GLN C 167 -21.35 2.00 -0.54
CA GLN C 167 -22.12 2.56 0.61
C GLN C 167 -23.33 3.35 0.10
N HIS C 168 -23.35 3.70 -1.20
CA HIS C 168 -24.51 4.28 -1.94
C HIS C 168 -25.51 3.17 -2.29
N ASP C 169 -25.04 2.08 -2.92
CA ASP C 169 -25.82 0.85 -3.17
C ASP C 169 -27.02 1.10 -4.06
N ASP C 186 -37.32 -10.37 -11.50
CA ASP C 186 -38.05 -9.24 -10.88
C ASP C 186 -37.61 -9.11 -9.42
N THR C 187 -37.87 -10.15 -8.61
CA THR C 187 -37.35 -10.35 -7.22
C THR C 187 -35.81 -10.47 -7.24
N ASN C 188 -35.24 -11.09 -8.30
CA ASN C 188 -33.80 -11.43 -8.49
C ASN C 188 -33.09 -10.33 -9.30
N ILE C 189 -32.52 -9.34 -8.62
CA ILE C 189 -31.73 -8.25 -9.27
C ILE C 189 -30.23 -8.58 -9.20
N THR C 190 -29.43 -8.00 -10.10
CA THR C 190 -27.96 -8.18 -10.11
C THR C 190 -27.29 -6.94 -9.50
N GLU C 191 -26.62 -7.11 -8.36
CA GLU C 191 -25.81 -6.04 -7.72
C GLU C 191 -24.35 -6.22 -8.13
N VAL C 192 -23.62 -5.12 -8.26
CA VAL C 192 -22.24 -5.07 -8.81
C VAL C 192 -21.36 -4.28 -7.84
N ASP C 193 -20.20 -4.84 -7.51
CA ASP C 193 -19.21 -4.29 -6.56
C ASP C 193 -17.88 -4.14 -7.31
N ALA C 194 -17.12 -3.10 -7.01
CA ALA C 194 -15.73 -2.96 -7.50
C ALA C 194 -14.84 -3.99 -6.80
N ALA C 195 -13.90 -4.58 -7.51
CA ALA C 195 -12.77 -5.34 -6.92
C ALA C 195 -12.06 -4.48 -5.87
N SER C 196 -11.66 -5.10 -4.76
CA SER C 196 -11.04 -4.38 -3.62
C SER C 196 -9.97 -5.23 -2.94
N VAL C 197 -10.07 -6.56 -2.96
CA VAL C 197 -9.22 -7.44 -2.14
C VAL C 197 -7.99 -7.85 -2.96
N TYR C 198 -6.80 -7.61 -2.41
CA TYR C 198 -5.54 -8.00 -3.08
C TYR C 198 -5.56 -9.50 -3.33
N THR C 199 -5.26 -9.90 -4.55
CA THR C 199 -5.24 -11.33 -4.99
C THR C 199 -3.87 -11.94 -4.68
N LEU C 200 -3.56 -12.03 -3.39
CA LEU C 200 -2.23 -12.48 -2.89
C LEU C 200 -2.23 -14.00 -2.73
N PRO C 201 -1.04 -14.62 -2.85
CA PRO C 201 -0.85 -16.02 -2.49
C PRO C 201 -0.61 -16.11 -0.98
N ALA C 202 -0.37 -17.29 -0.42
CA ALA C 202 -0.38 -17.44 1.06
C ALA C 202 0.74 -18.33 1.61
N GLY C 203 1.49 -19.03 0.77
CA GLY C 203 2.54 -19.94 1.27
C GLY C 203 2.52 -21.30 0.60
N ALA C 204 3.56 -22.08 0.83
CA ALA C 204 3.74 -23.42 0.24
C ALA C 204 2.45 -24.21 0.46
N ASP C 205 1.90 -24.76 -0.62
CA ASP C 205 0.77 -25.72 -0.61
C ASP C 205 -0.55 -24.98 -0.33
N PHE C 206 -0.57 -23.65 -0.41
CA PHE C 206 -1.82 -22.87 -0.43
C PHE C 206 -2.20 -22.58 -1.88
N LEU C 207 -3.51 -22.59 -2.13
CA LEU C 207 -4.16 -22.12 -3.36
C LEU C 207 -5.17 -21.06 -2.96
N MET C 208 -4.99 -19.82 -3.40
CA MET C 208 -5.87 -18.69 -3.04
C MET C 208 -6.71 -18.37 -4.27
N CYS C 209 -8.02 -18.50 -4.16
CA CYS C 209 -8.99 -18.38 -5.28
C CYS C 209 -9.82 -17.13 -5.02
N TYR C 210 -9.82 -16.19 -5.96
CA TYR C 210 -10.48 -14.87 -5.82
C TYR C 210 -11.58 -14.71 -6.85
N SER C 211 -12.73 -14.20 -6.43
CA SER C 211 -13.93 -13.99 -7.28
C SER C 211 -13.63 -12.97 -8.39
N VAL C 212 -12.67 -12.06 -8.19
CA VAL C 212 -12.43 -10.91 -9.08
C VAL C 212 -11.02 -10.34 -8.88
N ALA C 213 -10.41 -9.92 -9.97
CA ALA C 213 -9.08 -9.27 -10.00
C ALA C 213 -9.23 -7.75 -10.09
N GLU C 214 -8.13 -7.02 -9.84
CA GLU C 214 -8.06 -5.54 -9.86
C GLU C 214 -8.63 -5.06 -11.19
N GLY C 215 -9.42 -3.98 -11.16
CA GLY C 215 -9.98 -3.34 -12.36
C GLY C 215 -11.24 -4.02 -12.89
N TYR C 216 -11.65 -5.15 -12.32
CA TYR C 216 -12.88 -5.86 -12.71
C TYR C 216 -13.92 -5.67 -11.61
N TYR C 217 -15.11 -6.25 -11.81
CA TYR C 217 -16.29 -6.04 -10.95
C TYR C 217 -16.89 -7.40 -10.59
N SER C 218 -17.39 -7.50 -9.36
CA SER C 218 -18.01 -8.72 -8.77
C SER C 218 -19.53 -8.55 -8.83
N HIS C 219 -20.22 -9.58 -9.30
CA HIS C 219 -21.70 -9.59 -9.48
C HIS C 219 -22.34 -10.57 -8.50
N ARG C 220 -23.47 -10.20 -7.91
CA ARG C 220 -24.30 -11.11 -7.08
C ARG C 220 -25.79 -10.94 -7.45
N GLU C 221 -26.46 -12.04 -7.81
CA GLU C 221 -27.93 -12.09 -8.03
C GLU C 221 -28.58 -12.35 -6.66
N THR C 222 -29.56 -11.53 -6.26
CA THR C 222 -30.14 -11.52 -4.88
C THR C 222 -30.86 -12.84 -4.56
N VAL C 223 -31.17 -13.66 -5.57
CA VAL C 223 -31.75 -15.02 -5.34
C VAL C 223 -30.73 -16.10 -5.71
N ASN C 224 -30.12 -16.03 -6.89
CA ASN C 224 -29.24 -17.13 -7.39
C ASN C 224 -27.81 -17.07 -6.81
N GLY C 225 -27.42 -15.93 -6.22
CA GLY C 225 -26.08 -15.75 -5.61
C GLY C 225 -25.04 -15.21 -6.58
N SER C 226 -23.77 -15.29 -6.19
CA SER C 226 -22.62 -14.67 -6.87
C SER C 226 -22.32 -15.41 -8.18
N TRP C 227 -21.97 -14.67 -9.21
CA TRP C 227 -21.57 -15.26 -10.52
C TRP C 227 -20.46 -16.27 -10.27
N TYR C 228 -19.46 -15.87 -9.50
CA TYR C 228 -18.24 -16.69 -9.30
C TYR C 228 -18.63 -17.98 -8.59
N ILE C 229 -19.43 -17.87 -7.52
CA ILE C 229 -19.84 -19.06 -6.72
C ILE C 229 -20.79 -19.93 -7.56
N GLN C 230 -21.68 -19.36 -8.35
CA GLN C 230 -22.58 -20.17 -9.21
C GLN C 230 -21.71 -21.00 -10.16
N ASP C 231 -20.76 -20.34 -10.83
CA ASP C 231 -19.91 -21.00 -11.86
C ASP C 231 -18.95 -21.99 -11.17
N LEU C 232 -18.39 -21.64 -10.02
CA LEU C 232 -17.54 -22.57 -9.24
C LEU C 232 -18.38 -23.81 -8.91
N CYS C 233 -19.59 -23.61 -8.40
CA CYS C 233 -20.44 -24.73 -7.89
C CYS C 233 -20.94 -25.61 -9.06
N GLU C 234 -21.29 -25.02 -10.20
CA GLU C 234 -21.64 -25.82 -11.40
C GLU C 234 -20.44 -26.69 -11.79
N MET C 235 -19.23 -26.13 -11.84
CA MET C 235 -18.03 -26.87 -12.26
C MET C 235 -17.67 -27.93 -11.20
N LEU C 236 -17.82 -27.63 -9.91
CA LEU C 236 -17.59 -28.67 -8.85
C LEU C 236 -18.56 -29.82 -9.11
N GLY C 237 -19.82 -29.50 -9.42
CA GLY C 237 -20.91 -30.49 -9.61
C GLY C 237 -20.58 -31.45 -10.74
N LYS C 238 -20.16 -30.92 -11.89
CA LYS C 238 -19.89 -31.72 -13.10
C LYS C 238 -18.49 -32.34 -13.06
N TYR C 239 -17.46 -31.65 -12.57
CA TYR C 239 -16.04 -32.00 -12.84
C TYR C 239 -15.20 -32.13 -11.57
N GLY C 240 -15.73 -31.75 -10.41
CA GLY C 240 -14.93 -31.71 -9.16
C GLY C 240 -14.26 -33.04 -8.87
N SER C 241 -14.93 -34.14 -9.22
CA SER C 241 -14.52 -35.51 -8.82
C SER C 241 -13.53 -36.10 -9.81
N SER C 242 -13.26 -35.44 -10.96
CA SER C 242 -12.42 -36.00 -12.06
C SER C 242 -11.25 -35.09 -12.42
N LEU C 243 -11.51 -33.79 -12.58
CA LEU C 243 -10.53 -32.80 -13.11
C LEU C 243 -9.56 -32.34 -12.01
N GLU C 244 -8.31 -32.04 -12.39
CA GLU C 244 -7.34 -31.35 -11.50
C GLU C 244 -7.96 -30.02 -11.08
N PHE C 245 -7.80 -29.62 -9.82
CA PHE C 245 -8.60 -28.50 -9.28
C PHE C 245 -8.22 -27.18 -9.95
N THR C 246 -6.96 -26.95 -10.30
CA THR C 246 -6.57 -25.68 -10.99
C THR C 246 -7.10 -25.69 -12.43
N GLU C 247 -7.19 -26.86 -13.05
CA GLU C 247 -7.85 -27.05 -14.38
C GLU C 247 -9.32 -26.61 -14.25
N LEU C 248 -9.99 -27.00 -13.17
CA LEU C 248 -11.40 -26.63 -12.89
C LEU C 248 -11.52 -25.11 -12.65
N LEU C 249 -10.63 -24.53 -11.85
CA LEU C 249 -10.67 -23.05 -11.59
C LEU C 249 -10.46 -22.28 -12.91
N THR C 250 -9.71 -22.86 -13.85
CA THR C 250 -9.50 -22.26 -15.19
C THR C 250 -10.84 -22.27 -15.95
N LEU C 251 -11.65 -23.33 -15.82
CA LEU C 251 -13.01 -23.35 -16.41
C LEU C 251 -13.82 -22.24 -15.77
N VAL C 252 -13.69 -22.04 -14.46
CA VAL C 252 -14.48 -21.00 -13.77
C VAL C 252 -14.07 -19.64 -14.33
N ASN C 253 -12.78 -19.41 -14.55
CA ASN C 253 -12.28 -18.15 -15.16
C ASN C 253 -12.99 -17.92 -16.51
N ARG C 254 -13.06 -18.95 -17.35
CA ARG C 254 -13.73 -18.84 -18.67
C ARG C 254 -15.23 -18.55 -18.48
N LYS C 255 -15.93 -19.34 -17.67
CA LYS C 255 -17.39 -19.22 -17.47
C LYS C 255 -17.68 -17.80 -17.02
N VAL C 256 -17.01 -17.33 -15.98
CA VAL C 256 -17.32 -16.01 -15.38
C VAL C 256 -17.00 -14.90 -16.40
N SER C 257 -15.86 -14.98 -17.09
CA SER C 257 -15.38 -13.94 -18.04
C SER C 257 -16.31 -13.88 -19.26
N GLN C 258 -16.99 -14.97 -19.62
CA GLN C 258 -17.92 -15.03 -20.78
C GLN C 258 -19.31 -14.51 -20.41
N ARG C 259 -19.59 -14.20 -19.15
CA ARG C 259 -20.92 -13.65 -18.81
C ARG C 259 -21.02 -12.24 -19.38
N ARG C 260 -22.01 -12.02 -20.25
CA ARG C 260 -22.13 -10.78 -21.08
C ARG C 260 -22.67 -9.67 -20.16
N VAL C 261 -22.18 -8.44 -20.39
CA VAL C 261 -22.41 -7.25 -19.54
C VAL C 261 -22.76 -6.02 -20.41
N ASP C 262 -23.32 -6.23 -21.61
CA ASP C 262 -23.62 -5.15 -22.59
C ASP C 262 -25.09 -4.69 -22.48
N PHE C 263 -26.03 -5.58 -22.12
CA PHE C 263 -27.49 -5.27 -22.04
C PHE C 263 -27.98 -5.48 -20.61
N CYS C 264 -27.50 -4.67 -19.65
CA CYS C 264 -27.89 -4.72 -18.21
C CYS C 264 -29.10 -3.82 -17.95
N LYS C 265 -30.05 -4.28 -17.13
CA LYS C 265 -31.29 -3.52 -16.75
C LYS C 265 -30.88 -2.17 -16.14
N ASP C 266 -29.89 -2.16 -15.24
CA ASP C 266 -29.26 -0.93 -14.70
C ASP C 266 -28.25 -0.41 -15.72
N PRO C 267 -28.42 0.82 -16.29
CA PRO C 267 -27.48 1.34 -17.29
C PRO C 267 -26.02 1.49 -16.81
N SER C 268 -25.83 1.83 -15.52
CA SER C 268 -24.49 2.10 -14.89
C SER C 268 -23.68 0.81 -14.74
N ALA C 269 -24.30 -0.38 -14.86
CA ALA C 269 -23.64 -1.70 -14.77
C ALA C 269 -23.05 -2.12 -16.13
N ILE C 270 -23.39 -1.44 -17.23
CA ILE C 270 -22.94 -1.86 -18.60
C ILE C 270 -21.42 -1.72 -18.67
N GLY C 271 -20.74 -2.72 -19.24
CA GLY C 271 -19.27 -2.73 -19.45
C GLY C 271 -18.46 -3.21 -18.24
N LYS C 272 -19.09 -3.44 -17.10
CA LYS C 272 -18.40 -3.84 -15.85
C LYS C 272 -18.15 -5.35 -15.85
N LYS C 273 -17.11 -5.81 -16.56
CA LYS C 273 -16.79 -7.25 -16.73
C LYS C 273 -16.29 -7.82 -15.39
N GLN C 274 -16.40 -9.13 -15.24
CA GLN C 274 -15.86 -9.89 -14.08
C GLN C 274 -14.89 -10.92 -14.64
N VAL C 275 -13.67 -10.90 -14.15
CA VAL C 275 -12.65 -11.96 -14.38
C VAL C 275 -12.06 -12.33 -13.01
N PRO C 276 -12.22 -13.60 -12.60
CA PRO C 276 -11.59 -14.09 -11.37
C PRO C 276 -10.11 -14.35 -11.62
N CYS C 277 -9.40 -14.78 -10.58
CA CYS C 277 -8.04 -15.35 -10.68
C CYS C 277 -7.77 -16.29 -9.51
N PHE C 278 -6.70 -17.06 -9.64
CA PHE C 278 -6.15 -17.88 -8.54
C PHE C 278 -4.64 -17.68 -8.51
N ALA C 279 -4.13 -17.69 -7.29
CA ALA C 279 -2.68 -17.62 -6.98
C ALA C 279 -2.29 -18.96 -6.37
N SER C 280 -1.57 -19.78 -7.15
CA SER C 280 -1.16 -21.14 -6.75
C SER C 280 0.27 -21.11 -6.19
N MET C 281 0.42 -21.71 -5.00
CA MET C 281 1.71 -22.14 -4.46
C MET C 281 1.65 -23.66 -4.23
N LEU C 282 0.80 -24.35 -4.99
CA LEU C 282 0.75 -25.83 -4.94
C LEU C 282 2.04 -26.39 -5.56
N THR C 283 2.46 -27.56 -5.12
CA THR C 283 3.71 -28.24 -5.54
C THR C 283 3.36 -29.52 -6.30
N LYS C 284 2.07 -29.88 -6.34
CA LYS C 284 1.63 -31.13 -7.00
C LYS C 284 0.21 -30.95 -7.55
N LYS C 285 -0.23 -31.93 -8.32
CA LYS C 285 -1.58 -31.96 -8.90
C LYS C 285 -2.53 -32.27 -7.76
N LEU C 286 -3.69 -31.61 -7.78
CA LEU C 286 -4.73 -31.74 -6.76
C LEU C 286 -5.96 -32.30 -7.44
N HIS C 287 -6.39 -33.47 -7.01
CA HIS C 287 -7.63 -34.15 -7.46
C HIS C 287 -8.48 -34.47 -6.23
N PHE C 288 -9.78 -34.50 -6.42
CA PHE C 288 -10.78 -34.93 -5.42
C PHE C 288 -11.54 -36.14 -5.98
N PHE C 289 -10.81 -37.21 -6.31
CA PHE C 289 -11.39 -38.50 -6.74
C PHE C 289 -12.25 -39.06 -5.61
N PRO C 290 -13.39 -39.73 -5.92
CA PRO C 290 -14.24 -40.32 -4.88
C PRO C 290 -13.42 -41.23 -3.96
N LYS C 291 -13.59 -41.05 -2.66
CA LYS C 291 -12.92 -41.85 -1.62
C LYS C 291 -13.66 -43.19 -1.48
N SER C 292 -12.95 -44.32 -1.48
CA SER C 292 -13.51 -45.69 -1.26
C SER C 292 -13.99 -45.83 0.20
N ASN C 293 -15.31 -45.80 0.41
CA ASN C 293 -15.97 -45.63 1.72
C ASN C 293 -16.58 -46.95 2.21
N GLU C 294 -16.48 -48.03 1.43
CA GLU C 294 -17.18 -49.33 1.67
C GLU C 294 -16.59 -50.03 2.90
N ASN C 295 -17.41 -50.28 3.95
CA ASN C 295 -17.10 -51.05 5.19
C ASN C 295 -16.21 -50.23 6.15
N LEU C 296 -15.86 -49.00 5.75
CA LEU C 296 -14.77 -48.16 6.32
C LEU C 296 -15.39 -47.10 7.23
N TYR C 297 -14.81 -46.91 8.43
CA TYR C 297 -15.20 -45.83 9.39
C TYR C 297 -14.47 -44.53 8.98
N PHE C 298 -15.20 -43.62 8.31
CA PHE C 298 -14.70 -42.31 7.79
C PHE C 298 -15.26 -41.14 8.63
N GLN C 299 -16.09 -41.43 9.65
CA GLN C 299 -16.83 -40.48 10.53
C GLN C 299 -18.29 -40.40 10.05
N MET D 30 -21.43 -26.10 -27.28
CA MET D 30 -21.10 -27.27 -26.38
C MET D 30 -19.85 -26.92 -25.56
N PHE D 31 -20.02 -26.73 -24.24
CA PHE D 31 -18.94 -26.34 -23.28
C PHE D 31 -17.93 -27.49 -23.09
N ASP D 32 -16.63 -27.26 -23.29
CA ASP D 32 -15.61 -28.33 -23.35
C ASP D 32 -14.61 -28.16 -22.19
N PRO D 33 -14.58 -29.06 -21.20
CA PRO D 33 -13.67 -28.93 -20.06
C PRO D 33 -12.17 -29.10 -20.39
N ALA D 34 -11.85 -29.53 -21.61
CA ALA D 34 -10.44 -29.72 -22.05
C ALA D 34 -10.08 -28.70 -23.15
N GLU D 35 -10.87 -27.62 -23.31
CA GLU D 35 -10.60 -26.59 -24.35
C GLU D 35 -9.17 -26.04 -24.15
N LYS D 36 -8.39 -26.01 -25.25
CA LYS D 36 -7.02 -25.49 -25.34
C LYS D 36 -7.09 -24.14 -26.07
N TYR D 37 -6.22 -23.20 -25.69
CA TYR D 37 -5.91 -22.02 -26.53
C TYR D 37 -5.49 -22.55 -27.91
N LYS D 38 -5.97 -21.89 -28.96
CA LYS D 38 -5.59 -22.12 -30.38
C LYS D 38 -4.09 -21.78 -30.51
N MET D 39 -3.25 -22.79 -30.66
CA MET D 39 -1.79 -22.65 -30.77
C MET D 39 -1.32 -23.17 -32.14
N ASP D 40 -2.10 -22.88 -33.19
CA ASP D 40 -1.88 -23.38 -34.58
C ASP D 40 -1.78 -22.19 -35.57
N HIS D 41 -1.34 -21.03 -35.10
CA HIS D 41 -0.99 -19.87 -35.95
C HIS D 41 0.33 -20.17 -36.67
N ARG D 42 0.71 -19.36 -37.63
CA ARG D 42 1.94 -19.53 -38.45
C ARG D 42 3.17 -19.54 -37.53
N ARG D 43 3.22 -18.66 -36.53
CA ARG D 43 4.40 -18.61 -35.62
C ARG D 43 3.95 -18.63 -34.16
N ARG D 44 4.88 -19.00 -33.27
CA ARG D 44 4.63 -19.06 -31.82
C ARG D 44 4.37 -17.65 -31.29
N GLY D 45 5.26 -16.73 -31.65
CA GLY D 45 5.21 -15.33 -31.22
C GLY D 45 6.53 -14.88 -30.62
N ILE D 46 6.52 -13.70 -30.01
CA ILE D 46 7.74 -13.09 -29.44
C ILE D 46 7.88 -13.43 -27.96
N ALA D 47 9.12 -13.65 -27.50
CA ALA D 47 9.52 -13.62 -26.09
C ALA D 47 10.53 -12.48 -25.89
N LEU D 48 10.15 -11.44 -25.14
CA LEU D 48 11.06 -10.37 -24.68
C LEU D 48 11.74 -10.77 -23.38
N ILE D 49 13.03 -10.49 -23.29
CA ILE D 49 13.81 -10.65 -22.03
C ILE D 49 14.50 -9.32 -21.77
N PHE D 50 14.10 -8.65 -20.70
CA PHE D 50 14.79 -7.45 -20.15
C PHE D 50 15.72 -7.94 -19.05
N ASN D 51 17.02 -7.90 -19.33
CA ASN D 51 18.11 -8.41 -18.47
C ASN D 51 18.87 -7.24 -17.85
N HIS D 52 18.89 -7.16 -16.53
CA HIS D 52 19.44 -6.01 -15.78
C HIS D 52 20.51 -6.53 -14.82
N GLU D 53 21.78 -6.23 -15.10
CA GLU D 53 22.94 -6.72 -14.33
C GLU D 53 23.45 -5.61 -13.41
N ARG D 54 23.46 -4.37 -13.90
CA ARG D 54 24.05 -3.19 -13.20
C ARG D 54 23.01 -2.07 -13.22
N PHE D 55 23.16 -1.10 -12.32
CA PHE D 55 22.19 -0.01 -12.15
C PHE D 55 22.94 1.30 -11.94
N PHE D 56 22.31 2.39 -12.34
CA PHE D 56 22.79 3.76 -12.07
C PHE D 56 23.27 3.87 -10.61
N TRP D 57 24.45 4.48 -10.39
CA TRP D 57 25.11 4.52 -9.05
C TRP D 57 24.12 5.07 -8.02
N HIS D 58 23.36 6.12 -8.33
CA HIS D 58 22.51 6.82 -7.32
C HIS D 58 21.32 5.96 -6.88
N LEU D 59 21.11 4.77 -7.46
CA LEU D 59 20.02 3.86 -6.99
C LEU D 59 20.52 3.00 -5.82
N THR D 60 21.83 2.80 -5.72
CA THR D 60 22.45 1.99 -4.62
C THR D 60 21.87 0.57 -4.73
N LEU D 61 21.88 0.00 -5.93
CA LEU D 61 21.42 -1.41 -6.11
C LEU D 61 22.64 -2.24 -6.45
N PRO D 62 22.79 -3.43 -5.85
CA PRO D 62 23.93 -4.29 -6.15
C PRO D 62 23.83 -4.90 -7.55
N GLU D 63 24.98 -5.24 -8.13
CA GLU D 63 25.06 -6.03 -9.39
C GLU D 63 24.31 -7.36 -9.20
N ARG D 64 23.80 -7.92 -10.30
CA ARG D 64 23.07 -9.21 -10.29
C ARG D 64 23.93 -10.21 -11.08
N ARG D 65 25.12 -10.47 -10.57
CA ARG D 65 26.08 -11.45 -11.14
C ARG D 65 25.34 -12.79 -11.27
N GLY D 66 25.34 -13.36 -12.48
CA GLY D 66 24.64 -14.62 -12.81
C GLY D 66 23.43 -14.40 -13.70
N THR D 67 22.95 -13.17 -13.83
CA THR D 67 21.72 -12.90 -14.60
C THR D 67 21.94 -13.26 -16.09
N CYS D 68 23.16 -13.15 -16.58
CA CYS D 68 23.47 -13.46 -18.02
C CYS D 68 23.24 -14.95 -18.26
N ALA D 69 23.54 -15.83 -17.30
CA ALA D 69 23.24 -17.27 -17.41
C ALA D 69 21.72 -17.47 -17.53
N ASP D 70 20.94 -16.76 -16.69
CA ASP D 70 19.46 -16.80 -16.73
C ASP D 70 19.00 -16.40 -18.14
N ARG D 71 19.47 -15.25 -18.64
CA ARG D 71 19.10 -14.71 -19.97
C ARG D 71 19.39 -15.77 -21.05
N ASP D 72 20.55 -16.40 -21.01
CA ASP D 72 21.00 -17.33 -22.08
C ASP D 72 20.18 -18.62 -21.99
N ASN D 73 19.96 -19.12 -20.77
CA ASN D 73 19.18 -20.38 -20.52
C ASN D 73 17.74 -20.17 -21.03
N LEU D 74 17.14 -19.01 -20.74
CA LEU D 74 15.75 -18.69 -21.18
C LEU D 74 15.72 -18.57 -22.69
N THR D 75 16.73 -17.94 -23.28
CA THR D 75 16.82 -17.74 -24.75
C THR D 75 16.77 -19.11 -25.45
N ARG D 76 17.58 -20.05 -24.98
CA ARG D 76 17.63 -21.42 -25.56
C ARG D 76 16.26 -22.08 -25.42
N ARG D 77 15.67 -22.07 -24.22
CA ARG D 77 14.43 -22.86 -23.96
C ARG D 77 13.24 -22.28 -24.74
N PHE D 78 13.13 -20.96 -24.81
CA PHE D 78 11.99 -20.31 -25.49
C PHE D 78 12.17 -20.45 -27.01
N SER D 79 13.40 -20.34 -27.50
CA SER D 79 13.74 -20.59 -28.92
C SER D 79 13.31 -22.01 -29.29
N ASP D 80 13.64 -23.00 -28.46
CA ASP D 80 13.35 -24.43 -28.75
C ASP D 80 11.82 -24.65 -28.79
N LEU D 81 11.02 -23.76 -28.20
CA LEU D 81 9.53 -23.86 -28.19
C LEU D 81 8.94 -23.02 -29.33
N GLY D 82 9.78 -22.40 -30.16
CA GLY D 82 9.35 -21.73 -31.41
C GLY D 82 9.26 -20.22 -31.28
N PHE D 83 9.63 -19.65 -30.14
CA PHE D 83 9.55 -18.20 -29.90
C PHE D 83 10.66 -17.49 -30.69
N GLU D 84 10.35 -16.31 -31.21
CA GLU D 84 11.36 -15.32 -31.64
C GLU D 84 11.80 -14.58 -30.36
N VAL D 85 12.97 -14.92 -29.83
CA VAL D 85 13.48 -14.30 -28.57
C VAL D 85 14.23 -13.01 -28.88
N LYS D 86 13.83 -11.91 -28.25
CA LYS D 86 14.51 -10.60 -28.34
C LYS D 86 14.97 -10.19 -26.93
N CYS D 87 16.28 -10.12 -26.70
CA CYS D 87 16.90 -9.74 -25.41
C CYS D 87 17.39 -8.31 -25.46
N PHE D 88 17.27 -7.59 -24.34
CA PHE D 88 17.74 -6.20 -24.15
C PHE D 88 18.43 -6.11 -22.79
N ASN D 89 19.63 -5.52 -22.78
CA ASN D 89 20.54 -5.54 -21.61
C ASN D 89 20.63 -4.13 -21.06
N ASP D 90 20.19 -3.92 -19.83
CA ASP D 90 20.48 -2.71 -19.03
C ASP D 90 19.86 -1.48 -19.69
N LEU D 91 18.69 -1.61 -20.29
CA LEU D 91 17.97 -0.43 -20.83
C LEU D 91 17.60 0.51 -19.68
N LYS D 92 17.68 1.80 -19.96
CA LYS D 92 17.09 2.88 -19.13
C LYS D 92 15.59 2.89 -19.34
N ALA D 93 14.86 3.55 -18.45
CA ALA D 93 13.38 3.56 -18.44
C ALA D 93 12.86 3.97 -19.83
N GLU D 94 13.37 5.06 -20.41
CA GLU D 94 12.87 5.59 -21.69
C GLU D 94 13.03 4.52 -22.78
N GLU D 95 14.22 3.94 -22.91
CA GLU D 95 14.53 2.93 -23.95
C GLU D 95 13.63 1.72 -23.70
N LEU D 96 13.44 1.30 -22.44
CA LEU D 96 12.68 0.07 -22.14
C LEU D 96 11.22 0.33 -22.53
N LEU D 97 10.67 1.49 -22.18
CA LEU D 97 9.27 1.83 -22.52
C LEU D 97 9.14 1.91 -24.04
N LEU D 98 10.16 2.40 -24.73
CA LEU D 98 10.14 2.51 -26.22
C LEU D 98 10.10 1.11 -26.82
N LYS D 99 10.95 0.18 -26.39
CA LYS D 99 11.02 -1.17 -27.00
C LYS D 99 9.69 -1.88 -26.74
N ILE D 100 9.17 -1.80 -25.52
CA ILE D 100 8.00 -2.64 -25.16
C ILE D 100 6.76 -2.02 -25.82
N HIS D 101 6.70 -0.71 -25.99
CA HIS D 101 5.62 -0.05 -26.77
C HIS D 101 5.71 -0.46 -28.25
N GLU D 102 6.89 -0.48 -28.86
CA GLU D 102 7.08 -0.97 -30.25
C GLU D 102 6.40 -2.34 -30.38
N VAL D 103 6.77 -3.28 -29.49
CA VAL D 103 6.33 -4.70 -29.56
C VAL D 103 4.82 -4.77 -29.35
N SER D 104 4.25 -3.89 -28.54
CA SER D 104 2.80 -3.88 -28.23
C SER D 104 1.96 -3.30 -29.39
N THR D 105 2.52 -2.50 -30.30
CA THR D 105 1.78 -1.77 -31.37
C THR D 105 1.98 -2.44 -32.73
N VAL D 106 2.87 -3.39 -32.83
CA VAL D 106 3.12 -4.29 -33.99
C VAL D 106 2.00 -5.33 -34.00
N SER D 107 1.74 -5.98 -35.14
CA SER D 107 0.69 -7.02 -35.28
C SER D 107 1.21 -8.37 -34.74
N HIS D 108 0.43 -9.00 -33.87
CA HIS D 108 0.63 -10.40 -33.39
C HIS D 108 -0.41 -11.33 -34.01
N ALA D 109 -1.09 -10.86 -35.05
CA ALA D 109 -2.27 -11.56 -35.64
C ALA D 109 -1.90 -13.01 -36.04
N ASP D 110 -0.68 -13.25 -36.52
CA ASP D 110 -0.26 -14.60 -36.98
C ASP D 110 0.55 -15.33 -35.88
N ALA D 111 0.37 -14.94 -34.62
CA ALA D 111 1.11 -15.52 -33.48
C ALA D 111 0.15 -16.21 -32.52
N ASP D 112 0.65 -17.27 -31.87
CA ASP D 112 -0.08 -18.02 -30.81
C ASP D 112 -0.19 -17.21 -29.52
N CYS D 113 0.89 -16.56 -29.10
CA CYS D 113 0.94 -15.92 -27.77
C CYS D 113 2.10 -14.93 -27.68
N PHE D 114 2.32 -14.44 -26.46
CA PHE D 114 3.36 -13.44 -26.11
C PHE D 114 3.92 -13.76 -24.74
N VAL D 115 5.25 -13.70 -24.65
CA VAL D 115 6.03 -13.92 -23.42
C VAL D 115 6.91 -12.70 -23.20
N CYS D 116 6.98 -12.23 -21.97
CA CYS D 116 7.84 -11.11 -21.54
C CYS D 116 8.49 -11.53 -20.22
N VAL D 117 9.82 -11.40 -20.14
CA VAL D 117 10.61 -11.79 -18.95
C VAL D 117 11.36 -10.57 -18.42
N PHE D 118 11.26 -10.32 -17.12
CA PHE D 118 12.02 -9.27 -16.40
C PHE D 118 12.97 -9.94 -15.42
N LEU D 119 14.26 -9.66 -15.59
CA LEU D 119 15.38 -10.14 -14.73
C LEU D 119 16.01 -8.89 -14.13
N SER D 120 15.61 -8.51 -12.91
CA SER D 120 16.02 -7.22 -12.32
C SER D 120 15.77 -7.23 -10.82
N HIS D 121 15.97 -6.08 -10.19
CA HIS D 121 15.41 -5.79 -8.85
C HIS D 121 14.01 -5.23 -9.04
N GLY D 122 13.19 -5.30 -7.99
CA GLY D 122 11.84 -4.70 -7.94
C GLY D 122 11.45 -4.33 -6.52
N GLU D 123 10.34 -3.62 -6.39
CA GLU D 123 9.73 -3.18 -5.11
C GLU D 123 8.24 -2.99 -5.39
N GLY D 124 7.40 -3.69 -4.65
CA GLY D 124 5.93 -3.57 -4.73
C GLY D 124 5.43 -3.77 -6.13
N ASN D 125 4.90 -2.72 -6.72
CA ASN D 125 4.25 -2.72 -8.06
C ASN D 125 5.30 -2.42 -9.14
N HIS D 126 6.58 -2.33 -8.79
CA HIS D 126 7.64 -1.78 -9.68
C HIS D 126 8.73 -2.79 -9.99
N ILE D 127 9.30 -2.63 -11.16
CA ILE D 127 10.53 -3.31 -11.65
C ILE D 127 11.56 -2.20 -11.88
N TYR D 128 12.85 -2.48 -11.69
CA TYR D 128 13.92 -1.49 -11.95
C TYR D 128 14.42 -1.70 -13.37
N ALA D 129 14.39 -0.62 -14.16
CA ALA D 129 15.28 -0.43 -15.33
C ALA D 129 16.64 0.03 -14.77
N TYR D 130 17.58 0.41 -15.63
CA TYR D 130 18.95 0.81 -15.22
C TYR D 130 18.88 2.01 -14.26
N ASP D 131 17.97 2.97 -14.53
CA ASP D 131 18.00 4.33 -13.93
C ASP D 131 16.76 4.62 -13.05
N ALA D 132 15.68 3.87 -13.18
CA ALA D 132 14.44 4.17 -12.40
C ALA D 132 13.50 2.98 -12.39
N LYS D 133 12.54 3.05 -11.48
CA LYS D 133 11.49 2.03 -11.36
C LYS D 133 10.37 2.34 -12.38
N ILE D 134 9.72 1.27 -12.83
CA ILE D 134 8.55 1.33 -13.73
C ILE D 134 7.45 0.49 -13.10
N GLU D 135 6.22 1.00 -13.11
CA GLU D 135 5.01 0.28 -12.65
C GLU D 135 4.77 -0.92 -13.60
N ILE D 136 4.70 -2.13 -13.05
CA ILE D 136 4.47 -3.37 -13.82
C ILE D 136 3.16 -3.25 -14.60
N GLN D 137 2.13 -2.65 -14.01
CA GLN D 137 0.77 -2.50 -14.62
C GLN D 137 0.85 -1.69 -15.92
N THR D 138 1.78 -0.76 -16.06
CA THR D 138 1.89 0.06 -17.29
C THR D 138 2.54 -0.81 -18.37
N LEU D 139 3.35 -1.79 -18.01
CA LEU D 139 3.96 -2.72 -18.99
C LEU D 139 2.93 -3.76 -19.45
N THR D 140 2.24 -4.42 -18.52
CA THR D 140 1.19 -5.42 -18.83
C THR D 140 0.02 -4.74 -19.53
N GLY D 141 -0.29 -3.51 -19.14
CA GLY D 141 -1.44 -2.76 -19.68
C GLY D 141 -1.31 -2.56 -21.18
N LEU D 142 -0.08 -2.52 -21.72
CA LEU D 142 0.15 -2.34 -23.17
C LEU D 142 -0.39 -3.52 -23.97
N PHE D 143 -0.57 -4.69 -23.34
CA PHE D 143 -0.98 -5.93 -24.05
C PHE D 143 -2.41 -6.33 -23.74
N LYS D 144 -3.15 -5.52 -22.97
CA LYS D 144 -4.58 -5.79 -22.62
C LYS D 144 -5.43 -5.57 -23.88
N GLY D 145 -6.46 -6.39 -24.07
CA GLY D 145 -7.59 -6.22 -25.01
C GLY D 145 -7.54 -4.96 -25.86
N ASP D 146 -7.99 -3.82 -25.32
CA ASP D 146 -8.18 -2.56 -26.07
C ASP D 146 -6.89 -2.20 -26.84
N LYS D 147 -5.74 -2.24 -26.15
CA LYS D 147 -4.47 -1.60 -26.58
C LYS D 147 -3.71 -2.53 -27.56
N CYS D 148 -4.04 -3.83 -27.59
CA CYS D 148 -3.33 -4.82 -28.43
C CYS D 148 -4.32 -5.85 -28.97
N HIS D 149 -5.13 -5.45 -29.95
CA HIS D 149 -6.28 -6.24 -30.50
C HIS D 149 -5.79 -7.61 -30.98
N SER D 150 -4.59 -7.69 -31.55
CA SER D 150 -4.06 -8.93 -32.17
C SER D 150 -3.65 -9.98 -31.11
N LEU D 151 -3.70 -9.66 -29.81
CA LEU D 151 -3.41 -10.65 -28.75
C LEU D 151 -4.69 -10.94 -27.95
N VAL D 152 -5.82 -10.34 -28.30
CA VAL D 152 -7.11 -10.58 -27.59
C VAL D 152 -7.42 -12.07 -27.65
N GLY D 153 -7.72 -12.68 -26.50
CA GLY D 153 -8.02 -14.11 -26.40
C GLY D 153 -6.79 -14.98 -26.57
N LYS D 154 -5.58 -14.40 -26.54
CA LYS D 154 -4.34 -15.23 -26.62
C LYS D 154 -3.59 -15.09 -25.31
N PRO D 155 -2.85 -16.14 -24.89
CA PRO D 155 -2.11 -16.10 -23.65
C PRO D 155 -1.00 -15.04 -23.67
N LYS D 156 -0.90 -14.28 -22.59
CA LYS D 156 0.12 -13.24 -22.35
C LYS D 156 0.81 -13.63 -21.04
N ILE D 157 2.07 -14.05 -21.14
CA ILE D 157 2.81 -14.68 -20.03
C ILE D 157 3.95 -13.77 -19.64
N PHE D 158 3.92 -13.28 -18.40
CA PHE D 158 5.02 -12.49 -17.79
C PHE D 158 5.69 -13.35 -16.73
N ILE D 159 7.00 -13.43 -16.83
CA ILE D 159 7.87 -14.14 -15.87
C ILE D 159 8.76 -13.09 -15.22
N ILE D 160 8.70 -13.02 -13.89
CA ILE D 160 9.36 -11.92 -13.13
C ILE D 160 10.28 -12.54 -12.10
N GLN D 161 11.58 -12.38 -12.33
CA GLN D 161 12.68 -12.70 -11.41
C GLN D 161 13.15 -11.34 -10.92
N ALA D 162 12.58 -10.89 -9.83
CA ALA D 162 12.88 -9.56 -9.25
C ALA D 162 12.61 -9.61 -7.76
N ALA D 163 13.58 -9.14 -6.99
CA ALA D 163 13.51 -9.05 -5.53
C ALA D 163 14.21 -7.78 -5.08
N ARG D 164 14.40 -7.63 -3.77
CA ARG D 164 14.97 -6.41 -3.16
C ARG D 164 16.48 -6.49 -3.30
N GLY D 165 17.10 -5.53 -3.96
CA GLY D 165 18.57 -5.36 -3.92
C GLY D 165 19.00 -4.88 -2.55
N ASN D 166 19.70 -5.75 -1.80
CA ASN D 166 20.43 -5.45 -0.53
C ASN D 166 21.44 -4.29 -0.69
N GLN D 167 21.08 -3.09 -0.25
CA GLN D 167 21.84 -1.83 -0.45
C GLN D 167 23.17 -1.90 0.32
N HIS D 168 23.25 -2.78 1.33
CA HIS D 168 24.49 -3.27 2.01
C HIS D 168 24.47 -4.80 2.05
N ASP D 186 33.80 -22.19 -6.12
CA ASP D 186 34.83 -21.19 -5.71
C ASP D 186 34.37 -19.82 -6.23
N THR D 187 34.33 -19.68 -7.56
CA THR D 187 33.83 -18.51 -8.32
C THR D 187 32.31 -18.34 -8.06
N ASN D 188 31.57 -19.45 -7.89
CA ASN D 188 30.07 -19.54 -7.87
C ASN D 188 29.52 -19.44 -6.44
N ILE D 189 29.17 -18.22 -6.01
CA ILE D 189 28.57 -17.90 -4.67
C ILE D 189 27.03 -17.86 -4.83
N THR D 190 26.27 -18.13 -3.76
CA THR D 190 24.80 -18.00 -3.75
C THR D 190 24.43 -16.71 -3.01
N GLU D 191 23.86 -15.72 -3.71
CA GLU D 191 23.32 -14.47 -3.12
C GLU D 191 21.83 -14.64 -2.90
N VAL D 192 21.30 -14.00 -1.87
CA VAL D 192 19.92 -14.17 -1.36
C VAL D 192 19.30 -12.79 -1.17
N ASP D 193 18.10 -12.61 -1.69
CA ASP D 193 17.31 -11.35 -1.68
C ASP D 193 15.98 -11.63 -1.00
N ALA D 194 15.46 -10.68 -0.25
CA ALA D 194 14.09 -10.74 0.28
C ALA D 194 13.09 -10.56 -0.87
N ALA D 195 11.99 -11.28 -0.86
CA ALA D 195 10.81 -11.01 -1.71
C ALA D 195 10.37 -9.56 -1.54
N SER D 196 9.98 -8.91 -2.63
CA SER D 196 9.65 -7.47 -2.64
C SER D 196 8.51 -7.17 -3.61
N VAL D 197 8.35 -7.93 -4.68
CA VAL D 197 7.44 -7.58 -5.80
C VAL D 197 6.07 -8.23 -5.54
N TYR D 198 5.01 -7.44 -5.53
CA TYR D 198 3.64 -7.95 -5.31
C TYR D 198 3.34 -8.97 -6.41
N THR D 199 2.85 -10.14 -6.02
CA THR D 199 2.52 -11.27 -6.93
C THR D 199 1.09 -11.08 -7.45
N LEU D 200 0.89 -10.03 -8.22
CA LEU D 200 -0.44 -9.61 -8.75
C LEU D 200 -0.71 -10.31 -10.08
N PRO D 201 -2.01 -10.52 -10.42
CA PRO D 201 -2.42 -10.95 -11.74
C PRO D 201 -2.51 -9.71 -12.64
N ALA D 202 -2.92 -9.84 -13.90
CA ALA D 202 -2.78 -8.71 -14.86
C ALA D 202 -3.99 -8.53 -15.77
N GLY D 203 -4.94 -9.46 -15.81
CA GLY D 203 -6.08 -9.35 -16.75
C GLY D 203 -6.38 -10.63 -17.47
N ALA D 204 -7.52 -10.68 -18.14
CA ALA D 204 -8.01 -11.86 -18.88
C ALA D 204 -6.88 -12.35 -19.78
N ASP D 205 -6.56 -13.64 -19.67
CA ASP D 205 -5.63 -14.36 -20.58
C ASP D 205 -4.18 -13.98 -20.27
N PHE D 206 -3.92 -13.33 -19.14
CA PHE D 206 -2.55 -13.15 -18.61
C PHE D 206 -2.27 -14.26 -17.59
N LEU D 207 -1.03 -14.73 -17.59
CA LEU D 207 -0.41 -15.60 -16.57
C LEU D 207 0.81 -14.86 -16.04
N MET D 208 0.82 -14.52 -14.75
CA MET D 208 1.93 -13.78 -14.11
C MET D 208 2.68 -14.78 -13.23
N CYS D 209 3.96 -15.01 -13.54
CA CYS D 209 4.81 -16.04 -12.90
C CYS D 209 5.90 -15.32 -12.13
N TYR D 210 6.00 -15.57 -10.82
CA TYR D 210 6.90 -14.85 -9.89
C TYR D 210 7.89 -15.82 -9.28
N SER D 211 9.16 -15.40 -9.20
CA SER D 211 10.28 -16.21 -8.68
C SER D 211 10.07 -16.52 -7.19
N VAL D 212 9.32 -15.68 -6.47
CA VAL D 212 9.20 -15.74 -4.99
C VAL D 212 7.94 -15.02 -4.51
N ALA D 213 7.31 -15.56 -3.48
CA ALA D 213 6.14 -14.98 -2.79
C ALA D 213 6.58 -14.24 -1.51
N GLU D 214 5.67 -13.42 -0.96
CA GLU D 214 5.88 -12.62 0.27
C GLU D 214 6.37 -13.57 1.37
N GLY D 215 7.33 -13.11 2.17
CA GLY D 215 7.87 -13.86 3.32
C GLY D 215 8.96 -14.86 2.92
N TYR D 216 9.21 -15.08 1.63
CA TYR D 216 10.24 -16.03 1.15
C TYR D 216 11.41 -15.24 0.57
N TYR D 217 12.43 -15.94 0.11
CA TYR D 217 13.72 -15.34 -0.34
C TYR D 217 14.08 -15.90 -1.72
N SER D 218 14.67 -15.04 -2.54
CA SER D 218 15.10 -15.34 -3.92
C SER D 218 16.61 -15.59 -3.91
N HIS D 219 17.05 -16.67 -4.55
CA HIS D 219 18.48 -17.09 -4.62
C HIS D 219 19.01 -16.94 -6.05
N ARG D 220 20.25 -16.47 -6.18
CA ARG D 220 20.97 -16.45 -7.49
C ARG D 220 22.42 -16.93 -7.28
N GLU D 221 22.83 -17.95 -8.04
CA GLU D 221 24.23 -18.43 -8.11
C GLU D 221 24.95 -17.57 -9.15
N THR D 222 26.10 -16.99 -8.81
CA THR D 222 26.81 -15.97 -9.65
C THR D 222 27.29 -16.57 -10.97
N VAL D 223 27.35 -17.89 -11.11
CA VAL D 223 27.67 -18.55 -12.40
C VAL D 223 26.44 -19.25 -12.96
N ASN D 224 25.73 -20.06 -12.18
CA ASN D 224 24.61 -20.90 -12.72
C ASN D 224 23.28 -20.12 -12.86
N GLY D 225 23.18 -18.96 -12.22
CA GLY D 225 21.99 -18.10 -12.28
C GLY D 225 20.97 -18.41 -11.18
N SER D 226 19.76 -17.90 -11.34
CA SER D 226 18.67 -17.90 -10.34
C SER D 226 18.12 -19.31 -10.17
N TRP D 227 17.82 -19.69 -8.93
CA TRP D 227 17.19 -21.00 -8.64
C TRP D 227 15.92 -21.13 -9.50
N TYR D 228 15.11 -20.09 -9.51
CA TYR D 228 13.78 -20.14 -10.16
C TYR D 228 13.99 -20.35 -11.66
N ILE D 229 14.89 -19.57 -12.26
CA ILE D 229 15.15 -19.65 -13.73
C ILE D 229 15.82 -20.98 -14.07
N GLN D 230 16.71 -21.49 -13.23
CA GLN D 230 17.36 -22.80 -13.51
C GLN D 230 16.27 -23.86 -13.55
N ASP D 231 15.40 -23.88 -12.53
CA ASP D 231 14.34 -24.91 -12.41
C ASP D 231 13.28 -24.70 -13.51
N LEU D 232 12.91 -23.46 -13.82
CA LEU D 232 11.98 -23.18 -14.94
C LEU D 232 12.60 -23.74 -16.23
N CYS D 233 13.87 -23.45 -16.48
CA CYS D 233 14.54 -23.79 -17.77
C CYS D 233 14.75 -25.32 -17.87
N GLU D 234 15.08 -25.99 -16.78
CA GLU D 234 15.15 -27.48 -16.77
C GLU D 234 13.79 -28.05 -17.14
N MET D 235 12.71 -27.55 -16.54
CA MET D 235 11.35 -28.07 -16.79
C MET D 235 10.89 -27.73 -18.22
N LEU D 236 11.23 -26.54 -18.73
CA LEU D 236 10.92 -26.21 -20.15
C LEU D 236 11.64 -27.23 -21.05
N GLY D 237 12.89 -27.55 -20.72
CA GLY D 237 13.74 -28.45 -21.52
C GLY D 237 13.15 -29.83 -21.61
N LYS D 238 12.72 -30.40 -20.49
CA LYS D 238 12.18 -31.78 -20.43
C LYS D 238 10.71 -31.83 -20.84
N TYR D 239 9.88 -30.85 -20.45
CA TYR D 239 8.40 -31.01 -20.45
C TYR D 239 7.68 -29.88 -21.19
N GLY D 240 8.39 -28.81 -21.59
CA GLY D 240 7.73 -27.63 -22.17
C GLY D 240 6.85 -27.98 -23.37
N SER D 241 7.27 -28.99 -24.14
CA SER D 241 6.65 -29.31 -25.45
C SER D 241 5.48 -30.28 -25.27
N SER D 242 5.24 -30.81 -24.06
CA SER D 242 4.18 -31.84 -23.81
C SER D 242 3.17 -31.39 -22.74
N LEU D 243 3.65 -30.86 -21.61
CA LEU D 243 2.83 -30.57 -20.40
C LEU D 243 2.07 -29.25 -20.56
N GLU D 244 0.88 -29.18 -19.96
CA GLU D 244 0.14 -27.90 -19.81
C GLU D 244 1.03 -26.94 -19.00
N PHE D 245 1.09 -25.67 -19.38
CA PHE D 245 2.15 -24.76 -18.87
C PHE D 245 1.94 -24.52 -17.37
N THR D 246 0.71 -24.44 -16.85
CA THR D 246 0.49 -24.23 -15.38
C THR D 246 0.87 -25.51 -14.62
N GLU D 247 0.69 -26.68 -15.23
CA GLU D 247 1.17 -27.99 -14.70
C GLU D 247 2.70 -27.90 -14.54
N LEU D 248 3.39 -27.36 -15.55
CA LEU D 248 4.86 -27.21 -15.56
C LEU D 248 5.29 -26.21 -14.48
N LEU D 249 4.61 -25.06 -14.35
CA LEU D 249 4.95 -24.05 -13.31
C LEU D 249 4.78 -24.67 -11.91
N THR D 250 3.83 -25.62 -11.76
CA THR D 250 3.60 -26.35 -10.49
C THR D 250 4.83 -27.24 -10.21
N LEU D 251 5.43 -27.84 -11.22
CA LEU D 251 6.69 -28.61 -11.04
C LEU D 251 7.77 -27.64 -10.58
N VAL D 252 7.82 -26.44 -11.14
CA VAL D 252 8.86 -25.45 -10.77
C VAL D 252 8.65 -25.08 -9.30
N ASN D 253 7.41 -24.90 -8.85
CA ASN D 253 7.10 -24.61 -7.43
C ASN D 253 7.70 -25.73 -6.55
N ARG D 254 7.50 -26.99 -6.92
CA ARG D 254 8.03 -28.14 -6.15
C ARG D 254 9.57 -28.12 -6.18
N LYS D 255 10.18 -28.01 -7.35
CA LYS D 255 11.65 -28.06 -7.51
C LYS D 255 12.25 -26.98 -6.63
N VAL D 256 11.80 -25.74 -6.77
CA VAL D 256 12.42 -24.58 -6.06
C VAL D 256 12.21 -24.76 -4.55
N SER D 257 11.01 -25.15 -4.11
CA SER D 257 10.65 -25.29 -2.67
C SER D 257 11.45 -26.42 -2.03
N GLN D 258 11.86 -27.43 -2.78
CA GLN D 258 12.64 -28.60 -2.28
C GLN D 258 14.14 -28.28 -2.21
N ARG D 259 14.59 -27.14 -2.69
CA ARG D 259 16.02 -26.78 -2.56
C ARG D 259 16.32 -26.52 -1.09
N ARG D 260 17.25 -27.29 -0.53
CA ARG D 260 17.54 -27.31 0.93
C ARG D 260 18.35 -26.05 1.26
N VAL D 261 18.08 -25.47 2.43
CA VAL D 261 18.63 -24.16 2.89
C VAL D 261 19.11 -24.26 4.36
N ASP D 262 19.53 -25.46 4.81
CA ASP D 262 19.93 -25.74 6.22
C ASP D 262 21.47 -25.69 6.36
N PHE D 263 22.24 -26.05 5.33
CA PHE D 263 23.73 -26.09 5.38
C PHE D 263 24.33 -25.12 4.35
N CYS D 264 24.12 -23.81 4.53
CA CYS D 264 24.61 -22.73 3.63
C CYS D 264 26.01 -22.26 4.07
N LYS D 265 26.91 -22.01 3.11
CA LYS D 265 28.28 -21.46 3.32
C LYS D 265 28.19 -20.20 4.19
N ASP D 266 27.30 -19.27 3.83
CA ASP D 266 26.98 -18.05 4.60
C ASP D 266 26.00 -18.43 5.72
N PRO D 267 26.35 -18.29 7.02
CA PRO D 267 25.44 -18.63 8.12
C PRO D 267 24.10 -17.89 8.13
N SER D 268 24.08 -16.61 7.70
CA SER D 268 22.90 -15.71 7.72
C SER D 268 21.87 -16.11 6.65
N ALA D 269 22.24 -16.98 5.69
CA ALA D 269 21.35 -17.49 4.62
C ALA D 269 20.55 -18.72 5.09
N ILE D 270 20.91 -19.32 6.24
CA ILE D 270 20.27 -20.58 6.72
C ILE D 270 18.79 -20.28 7.04
N GLY D 271 17.89 -21.15 6.62
CA GLY D 271 16.43 -21.06 6.89
C GLY D 271 15.67 -20.17 5.89
N LYS D 272 16.35 -19.48 4.98
CA LYS D 272 15.71 -18.54 4.03
C LYS D 272 15.17 -19.32 2.83
N LYS D 273 14.00 -19.96 2.96
CA LYS D 273 13.42 -20.82 1.91
C LYS D 273 12.94 -19.94 0.74
N GLN D 274 12.82 -20.55 -0.44
CA GLN D 274 12.26 -19.92 -1.65
C GLN D 274 11.07 -20.75 -2.08
N VAL D 275 9.92 -20.12 -2.22
CA VAL D 275 8.71 -20.68 -2.87
C VAL D 275 8.19 -19.67 -3.89
N PRO D 276 8.14 -20.04 -5.18
CA PRO D 276 7.57 -19.19 -6.21
C PRO D 276 6.04 -19.25 -6.13
N CYS D 277 5.38 -18.50 -7.00
CA CYS D 277 3.94 -18.62 -7.29
C CYS D 277 3.61 -18.13 -8.69
N PHE D 278 2.40 -18.45 -9.14
CA PHE D 278 1.82 -17.88 -10.36
C PHE D 278 0.39 -17.47 -10.08
N ALA D 279 -0.01 -16.39 -10.72
CA ALA D 279 -1.38 -15.83 -10.70
C ALA D 279 -1.95 -15.98 -12.11
N SER D 280 -2.89 -16.91 -12.26
CA SER D 280 -3.50 -17.26 -13.56
C SER D 280 -4.83 -16.53 -13.71
N MET D 281 -4.97 -15.85 -14.85
CA MET D 281 -6.27 -15.40 -15.39
C MET D 281 -6.46 -16.04 -16.76
N LEU D 282 -5.83 -17.19 -16.99
CA LEU D 282 -6.06 -17.98 -18.23
C LEU D 282 -7.49 -18.56 -18.19
N THR D 283 -8.08 -18.75 -19.36
CA THR D 283 -9.47 -19.22 -19.55
C THR D 283 -9.45 -20.60 -20.20
N LYS D 284 -8.26 -21.08 -20.60
CA LYS D 284 -8.13 -22.38 -21.28
C LYS D 284 -6.77 -23.00 -20.95
N LYS D 285 -6.61 -24.25 -21.36
CA LYS D 285 -5.35 -25.01 -21.19
C LYS D 285 -4.36 -24.42 -22.19
N LEU D 286 -3.11 -24.29 -21.77
CA LEU D 286 -2.01 -23.73 -22.56
C LEU D 286 -0.97 -24.83 -22.75
N HIS D 287 -0.73 -25.19 -24.00
CA HIS D 287 0.31 -26.15 -24.41
C HIS D 287 1.20 -25.48 -25.46
N PHE D 288 2.45 -25.91 -25.51
CA PHE D 288 3.44 -25.51 -26.53
C PHE D 288 3.89 -26.77 -27.28
N PHE D 289 2.95 -27.48 -27.90
CA PHE D 289 3.25 -28.65 -28.78
C PHE D 289 4.11 -28.19 -29.95
N PRO D 290 5.05 -29.03 -30.43
CA PRO D 290 5.86 -28.67 -31.59
C PRO D 290 4.96 -28.25 -32.78
N LYS D 291 5.29 -27.12 -33.38
CA LYS D 291 4.59 -26.58 -34.58
C LYS D 291 5.08 -27.35 -35.81
N SER D 292 4.18 -27.88 -36.65
CA SER D 292 4.51 -28.56 -37.95
C SER D 292 5.04 -27.52 -38.94
N ASN D 293 6.35 -27.53 -39.18
CA ASN D 293 7.12 -26.46 -39.86
C ASN D 293 7.50 -26.87 -41.30
N GLU D 294 7.14 -28.09 -41.73
CA GLU D 294 7.57 -28.72 -43.00
C GLU D 294 7.01 -27.95 -44.21
N ASN D 295 7.89 -27.43 -45.08
CA ASN D 295 7.61 -26.77 -46.40
C ASN D 295 7.04 -25.35 -46.18
N LEU D 296 6.89 -24.94 -44.92
CA LEU D 296 6.05 -23.80 -44.48
C LEU D 296 6.95 -22.60 -44.17
N TYR D 297 6.53 -21.41 -44.61
CA TYR D 297 7.19 -20.11 -44.29
C TYR D 297 6.67 -19.63 -42.91
N PHE D 298 7.48 -19.82 -41.86
CA PHE D 298 7.18 -19.47 -40.43
C PHE D 298 8.02 -18.25 -39.99
N GLN D 299 8.88 -17.73 -40.89
CA GLN D 299 9.90 -16.65 -40.69
C GLN D 299 11.28 -17.31 -40.51
#